data_1I9X
# 
_entry.id   1I9X 
# 
_audit_conform.dict_name       mmcif_pdbx.dic 
_audit_conform.dict_version    5.386 
_audit_conform.dict_location   http://mmcif.pdb.org/dictionaries/ascii/mmcif_pdbx.dic 
# 
loop_
_database_2.database_id 
_database_2.database_code 
_database_2.pdbx_database_accession 
_database_2.pdbx_DOI 
PDB   1I9X         pdb_00001i9x 10.2210/pdb1i9x/pdb 
NDB   AR0032       ?            ?                   
RCSB  RCSB013088   ?            ?                   
WWPDB D_1000013088 ?            ?                   
# 
loop_
_pdbx_audit_revision_history.ordinal 
_pdbx_audit_revision_history.data_content_type 
_pdbx_audit_revision_history.major_revision 
_pdbx_audit_revision_history.minor_revision 
_pdbx_audit_revision_history.revision_date 
1 'Structure model' 1 0 2001-09-05 
2 'Structure model' 1 1 2008-04-27 
3 'Structure model' 1 2 2011-07-13 
4 'Structure model' 1 3 2018-04-04 
5 'Structure model' 1 4 2024-02-07 
# 
_pdbx_audit_revision_details.ordinal             1 
_pdbx_audit_revision_details.revision_ordinal    1 
_pdbx_audit_revision_details.data_content_type   'Structure model' 
_pdbx_audit_revision_details.provider            repository 
_pdbx_audit_revision_details.type                'Initial release' 
_pdbx_audit_revision_details.description         ? 
_pdbx_audit_revision_details.details             ? 
# 
loop_
_pdbx_audit_revision_group.ordinal 
_pdbx_audit_revision_group.revision_ordinal 
_pdbx_audit_revision_group.data_content_type 
_pdbx_audit_revision_group.group 
1 2 'Structure model' 'Version format compliance' 
2 3 'Structure model' 'Version format compliance' 
3 4 'Structure model' 'Data collection'           
4 5 'Structure model' 'Data collection'           
5 5 'Structure model' 'Database references'       
# 
loop_
_pdbx_audit_revision_category.ordinal 
_pdbx_audit_revision_category.revision_ordinal 
_pdbx_audit_revision_category.data_content_type 
_pdbx_audit_revision_category.category 
1 4 'Structure model' diffrn_source  
2 5 'Structure model' chem_comp_atom 
3 5 'Structure model' chem_comp_bond 
4 5 'Structure model' database_2     
# 
loop_
_pdbx_audit_revision_item.ordinal 
_pdbx_audit_revision_item.revision_ordinal 
_pdbx_audit_revision_item.data_content_type 
_pdbx_audit_revision_item.item 
1 4 'Structure model' '_diffrn_source.type'                 
2 5 'Structure model' '_database_2.pdbx_DOI'                
3 5 'Structure model' '_database_2.pdbx_database_accession' 
# 
_pdbx_database_status.status_code                     REL 
_pdbx_database_status.entry_id                        1I9X 
_pdbx_database_status.recvd_initial_deposition_date   2001-03-21 
_pdbx_database_status.deposit_site                    RCSB 
_pdbx_database_status.process_site                    RCSB 
_pdbx_database_status.status_code_sf                  REL 
_pdbx_database_status.SG_entry                        . 
_pdbx_database_status.pdb_format_compatible           Y 
_pdbx_database_status.status_code_mr                  ? 
_pdbx_database_status.status_code_cs                  ? 
_pdbx_database_status.methods_development_category    ? 
_pdbx_database_status.status_code_nmr_data            ? 
# 
loop_
_audit_author.name 
_audit_author.pdbx_ordinal 
'Berglund, J.A.' 1 
'Rosbash, M.'    2 
'Schultz, S.C.'  3 
# 
_citation.id                        primary 
_citation.title                     'Crystal structure of a model branchpoint-U2 snRNA duplex containing bulged adenosines.' 
_citation.journal_abbrev            RNA 
_citation.journal_volume            7 
_citation.page_first                682 
_citation.page_last                 691 
_citation.year                      2001 
_citation.journal_id_ASTM           RNARFU 
_citation.country                   UK 
_citation.journal_id_ISSN           1355-8382 
_citation.journal_id_CSD            2122 
_citation.book_publisher            ? 
_citation.pdbx_database_id_PubMed   11350032 
_citation.pdbx_database_id_DOI      10.1017/S1355838201002187 
# 
loop_
_citation_author.citation_id 
_citation_author.name 
_citation_author.ordinal 
_citation_author.identifier_ORCID 
primary 'Berglund, J.A.' 1 ? 
primary 'Rosbash, M.'    2 ? 
primary 'Schultz, S.C.'  3 ? 
# 
loop_
_entity.id 
_entity.type 
_entity.src_method 
_entity.pdbx_description 
_entity.formula_weight 
_entity.pdbx_number_of_molecules 
_entity.pdbx_ec 
_entity.pdbx_mutation 
_entity.pdbx_fragment 
_entity.details 
1 polymer syn "5'-R(*UP*AP*CP*UP*AP*AP*CP*GP*UP*AP*GP*UP*A)-3'" 4126.509 2  ? ? ? 'BPS - U2 SNRNA DUPLEX' 
2 water   nat water                                             18.015   22 ? ? ? ?                       
# 
_entity_poly.entity_id                      1 
_entity_poly.type                           polyribonucleotide 
_entity_poly.nstd_linkage                   no 
_entity_poly.nstd_monomer                   no 
_entity_poly.pdbx_seq_one_letter_code       UACUAACGUAGUA 
_entity_poly.pdbx_seq_one_letter_code_can   UACUAACGUAGUA 
_entity_poly.pdbx_strand_id                 A,B 
_entity_poly.pdbx_target_identifier         ? 
# 
_pdbx_entity_nonpoly.entity_id   2 
_pdbx_entity_nonpoly.name        water 
_pdbx_entity_nonpoly.comp_id     HOH 
# 
loop_
_entity_poly_seq.entity_id 
_entity_poly_seq.num 
_entity_poly_seq.mon_id 
_entity_poly_seq.hetero 
1 1  U n 
1 2  A n 
1 3  C n 
1 4  U n 
1 5  A n 
1 6  A n 
1 7  C n 
1 8  G n 
1 9  U n 
1 10 A n 
1 11 G n 
1 12 U n 
1 13 A n 
# 
_pdbx_entity_src_syn.entity_id              1 
_pdbx_entity_src_syn.pdbx_src_id            1 
_pdbx_entity_src_syn.pdbx_alt_source_flag   sample 
_pdbx_entity_src_syn.pdbx_beg_seq_num       ? 
_pdbx_entity_src_syn.pdbx_end_seq_num       ? 
_pdbx_entity_src_syn.organism_scientific    ? 
_pdbx_entity_src_syn.organism_common_name   ? 
_pdbx_entity_src_syn.ncbi_taxonomy_id       ? 
_pdbx_entity_src_syn.details                
'The UACUAAC is the conserved branchpoint sequence in budding yeast and the GUAGUA is conserved in the U2 snRNP particle.' 
# 
loop_
_chem_comp.id 
_chem_comp.type 
_chem_comp.mon_nstd_flag 
_chem_comp.name 
_chem_comp.pdbx_synonyms 
_chem_comp.formula 
_chem_comp.formula_weight 
A   'RNA linking' y "ADENOSINE-5'-MONOPHOSPHATE" ? 'C10 H14 N5 O7 P' 347.221 
C   'RNA linking' y "CYTIDINE-5'-MONOPHOSPHATE"  ? 'C9 H14 N3 O8 P'  323.197 
G   'RNA linking' y "GUANOSINE-5'-MONOPHOSPHATE" ? 'C10 H14 N5 O8 P' 363.221 
HOH non-polymer   . WATER                        ? 'H2 O'            18.015  
U   'RNA linking' y "URIDINE-5'-MONOPHOSPHATE"   ? 'C9 H13 N2 O9 P'  324.181 
# 
loop_
_pdbx_poly_seq_scheme.asym_id 
_pdbx_poly_seq_scheme.entity_id 
_pdbx_poly_seq_scheme.seq_id 
_pdbx_poly_seq_scheme.mon_id 
_pdbx_poly_seq_scheme.ndb_seq_num 
_pdbx_poly_seq_scheme.pdb_seq_num 
_pdbx_poly_seq_scheme.auth_seq_num 
_pdbx_poly_seq_scheme.pdb_mon_id 
_pdbx_poly_seq_scheme.auth_mon_id 
_pdbx_poly_seq_scheme.pdb_strand_id 
_pdbx_poly_seq_scheme.pdb_ins_code 
_pdbx_poly_seq_scheme.hetero 
A 1 1  U 1  1  1  U U A . n 
A 1 2  A 2  2  2  A A A . n 
A 1 3  C 3  3  3  C C A . n 
A 1 4  U 4  4  4  U U A . n 
A 1 5  A 5  5  5  A A A . n 
A 1 6  A 6  6  6  A A A . n 
A 1 7  C 7  7  7  C C A . n 
A 1 8  G 8  8  8  G G A . n 
A 1 9  U 9  9  9  U U A . n 
A 1 10 A 10 10 10 A A A . n 
A 1 11 G 11 11 11 G G A . n 
A 1 12 U 12 12 12 U U A . n 
A 1 13 A 13 13 13 A A A . n 
B 1 1  U 1  1  1  U U B . n 
B 1 2  A 2  2  2  A A B . n 
B 1 3  C 3  3  3  C C B . n 
B 1 4  U 4  4  4  U U B . n 
B 1 5  A 5  5  5  A A B . n 
B 1 6  A 6  6  6  A A B . n 
B 1 7  C 7  7  7  C C B . n 
B 1 8  G 8  8  8  G G B . n 
B 1 9  U 9  9  9  U U B . n 
B 1 10 A 10 10 10 A A B . n 
B 1 11 G 11 11 11 G G B . n 
B 1 12 U 12 12 12 U U B . n 
B 1 13 A 13 13 13 A A B . n 
# 
loop_
_pdbx_nonpoly_scheme.asym_id 
_pdbx_nonpoly_scheme.entity_id 
_pdbx_nonpoly_scheme.mon_id 
_pdbx_nonpoly_scheme.ndb_seq_num 
_pdbx_nonpoly_scheme.pdb_seq_num 
_pdbx_nonpoly_scheme.auth_seq_num 
_pdbx_nonpoly_scheme.pdb_mon_id 
_pdbx_nonpoly_scheme.auth_mon_id 
_pdbx_nonpoly_scheme.pdb_strand_id 
_pdbx_nonpoly_scheme.pdb_ins_code 
C 2 HOH 1  25 25 HOH HOH A . 
C 2 HOH 2  26 26 HOH HOH A . 
C 2 HOH 3  27 27 HOH HOH A . 
C 2 HOH 4  28 28 HOH HOH A . 
C 2 HOH 5  29 29 HOH HOH A . 
C 2 HOH 6  34 34 HOH HOH A . 
C 2 HOH 7  35 35 HOH HOH A . 
C 2 HOH 8  36 36 HOH HOH A . 
C 2 HOH 9  40 40 HOH HOH A . 
C 2 HOH 10 41 41 HOH HOH A . 
D 2 HOH 1  21 21 HOH HOH B . 
D 2 HOH 2  22 22 HOH HOH B . 
D 2 HOH 3  23 23 HOH HOH B . 
D 2 HOH 4  24 24 HOH HOH B . 
D 2 HOH 5  30 30 HOH HOH B . 
D 2 HOH 6  31 31 HOH HOH B . 
D 2 HOH 7  32 32 HOH HOH B . 
D 2 HOH 8  33 33 HOH HOH B . 
D 2 HOH 9  37 37 HOH HOH B . 
D 2 HOH 10 38 38 HOH HOH B . 
D 2 HOH 11 39 39 HOH HOH B . 
D 2 HOH 12 42 42 HOH HOH B . 
# 
loop_
_software.name 
_software.classification 
_software.version 
_software.citation_id 
_software.pdbx_ordinal 
MLPHARE   phasing          . ? 1 
CNS       refinement       . ? 2 
DENZO     'data reduction' . ? 3 
SCALEPACK 'data scaling'   . ? 4 
# 
_cell.entry_id           1I9X 
_cell.length_a           28.75 
_cell.length_b           42.40 
_cell.length_c           33.14 
_cell.angle_alpha        90.00 
_cell.angle_beta         92.87 
_cell.angle_gamma        90.00 
_cell.Z_PDB              4 
_cell.pdbx_unique_axis   ? 
# 
_symmetry.entry_id                         1I9X 
_symmetry.space_group_name_H-M             'P 1 21 1' 
_symmetry.pdbx_full_space_group_name_H-M   ? 
_symmetry.cell_setting                     ? 
_symmetry.Int_Tables_number                4 
# 
_exptl.entry_id          1I9X 
_exptl.method            'X-RAY DIFFRACTION' 
_exptl.crystals_number   1 
# 
_exptl_crystal.id                    1 
_exptl_crystal.density_meas          ? 
_exptl_crystal.density_Matthews      2.44 
_exptl_crystal.density_percent_sol   49.68 
_exptl_crystal.description           ? 
# 
_exptl_crystal_grow.crystal_id      1 
_exptl_crystal_grow.method          'VAPOR DIFFUSION, HANGING DROP' 
_exptl_crystal_grow.temp            ? 
_exptl_crystal_grow.temp_details    '303.0 then shifted to 287.0' 
_exptl_crystal_grow.pH              7.5 
_exptl_crystal_grow.pdbx_details    'MPD, Spermine, Glycerol, tris, pH 7.5, VAPOR DIFFUSION, HANGING DROP' 
_exptl_crystal_grow.pdbx_pH_range   ? 
# 
loop_
_exptl_crystal_grow_comp.crystal_id 
_exptl_crystal_grow_comp.id 
_exptl_crystal_grow_comp.sol_id 
_exptl_crystal_grow_comp.name 
_exptl_crystal_grow_comp.volume 
_exptl_crystal_grow_comp.conc 
_exptl_crystal_grow_comp.details 
1 1 1 MPD      ? ? ? 
1 2 1 Spermine ? ? ? 
1 3 1 Glycerol ? ? ? 
1 4 1 tris     ? ? ? 
1 5 2 MPD      ? ? ? 
# 
_diffrn.id                     1 
_diffrn.ambient_temp           298.0 
_diffrn.ambient_temp_details   ? 
_diffrn.crystal_id             1 
# 
_diffrn_detector.diffrn_id              1 
_diffrn_detector.detector               'IMAGE PLATE' 
_diffrn_detector.type                   'RIGAKU RAXIS IIC' 
_diffrn_detector.pdbx_collection_date   1999-02-10 
_diffrn_detector.details                'Yale mirrors' 
# 
_diffrn_radiation.diffrn_id                        1 
_diffrn_radiation.wavelength_id                    1 
_diffrn_radiation.pdbx_monochromatic_or_laue_m_l   M 
_diffrn_radiation.monochromator                    'Yale Mirrors' 
_diffrn_radiation.pdbx_diffrn_protocol             'SINGLE WAVELENGTH' 
_diffrn_radiation.pdbx_scattering_type             x-ray 
# 
_diffrn_radiation_wavelength.id           1 
_diffrn_radiation_wavelength.wavelength   1.5418 
_diffrn_radiation_wavelength.wt           1.0 
# 
_diffrn_source.diffrn_id                   1 
_diffrn_source.source                      'ROTATING ANODE' 
_diffrn_source.type                        'RIGAKU RU200' 
_diffrn_source.pdbx_synchrotron_site       ? 
_diffrn_source.pdbx_synchrotron_beamline   ? 
_diffrn_source.pdbx_wavelength             ? 
_diffrn_source.pdbx_wavelength_list        1.5418 
# 
_reflns.entry_id                     1I9X 
_reflns.observed_criterion_sigma_I   0.0 
_reflns.observed_criterion_sigma_F   0.0 
_reflns.d_resolution_low             30.0 
_reflns.d_resolution_high            2.0 
_reflns.number_obs                   4125 
_reflns.number_all                   4369 
_reflns.percent_possible_obs         96.0 
_reflns.pdbx_Rmerge_I_obs            0.0480000 
_reflns.pdbx_Rsym_value              4.7000000 
_reflns.pdbx_netI_over_sigmaI        30.1 
_reflns.B_iso_Wilson_estimate        41.4 
_reflns.pdbx_redundancy              4.9 
_reflns.R_free_details               ? 
_reflns.pdbx_diffrn_id               1 
_reflns.pdbx_ordinal                 1 
# 
_reflns_shell.d_res_high             2.18 
_reflns_shell.d_res_low              2.26 
_reflns_shell.percent_possible_all   94.0 
_reflns_shell.Rmerge_I_obs           0.3840000 
_reflns_shell.pdbx_Rsym_value        27.7000000 
_reflns_shell.meanI_over_sigI_obs    2.6 
_reflns_shell.pdbx_redundancy        4.1 
_reflns_shell.percent_possible_obs   ? 
_reflns_shell.number_unique_all      440 
_reflns_shell.pdbx_diffrn_id         ? 
_reflns_shell.pdbx_ordinal           1 
# 
_refine.entry_id                                 1I9X 
_refine.ls_number_reflns_obs                     3980 
_refine.ls_number_reflns_all                     4145 
_refine.pdbx_ls_sigma_I                          0.0 
_refine.pdbx_ls_sigma_F                          0.0 
_refine.pdbx_data_cutoff_high_absF               ? 
_refine.pdbx_data_cutoff_low_absF                ? 
_refine.ls_d_res_low                             8.0 
_refine.ls_d_res_high                            2.18 
_refine.ls_percent_reflns_obs                    96.0 
_refine.ls_R_factor_obs                          ? 
_refine.ls_R_factor_all                          ? 
_refine.ls_R_factor_R_work                       0.2530000 
_refine.ls_R_factor_R_free                       0.2760000 
_refine.ls_R_factor_R_free_error                 ? 
_refine.ls_R_factor_R_free_error_details         ? 
_refine.ls_percent_reflns_R_free                 ? 
_refine.ls_number_reflns_R_free                  410 
_refine.ls_number_parameters                     ? 
_refine.ls_number_restraints                     ? 
_refine.occupancy_min                            ? 
_refine.occupancy_max                            ? 
_refine.B_iso_mean                               58 
_refine.aniso_B[1][1]                            22.18 
_refine.aniso_B[2][2]                            -15.43 
_refine.aniso_B[3][3]                            -6.75 
_refine.aniso_B[1][2]                            0.00 
_refine.aniso_B[1][3]                            12.48 
_refine.aniso_B[2][3]                            0.00 
_refine.solvent_model_details                    ? 
_refine.solvent_model_param_ksol                 ? 
_refine.solvent_model_param_bsol                 ? 
_refine.pdbx_ls_cross_valid_method               THROUGHOUT 
_refine.details                                  'Bulk solvent was not used in the refinement.' 
_refine.pdbx_starting_model                      ? 
_refine.pdbx_method_to_determine_struct          MIR 
_refine.pdbx_isotropic_thermal_model             Anistropic 
_refine.pdbx_stereochemistry_target_values       
;G. Parkinson, J. Vojtechovsky, L. Clowney, A.T. Brunger, H.M. Berman,  
New Parameters for the Refinement of Nucleic Acid Containing Structures,  
Acta Cryst. D, 52, 57-64 (1996).
;
_refine.pdbx_stereochem_target_val_spec_case     ? 
_refine.pdbx_R_Free_selection_details            Random 
_refine.pdbx_overall_ESU_R_Free                  ? 
_refine.overall_SU_B                             ? 
_refine.ls_redundancy_reflns_obs                 ? 
_refine.correlation_coeff_Fo_to_Fc               ? 
_refine.correlation_coeff_Fo_to_Fc_free          ? 
_refine.overall_SU_R_Cruickshank_DPI             ? 
_refine.overall_SU_R_free                        ? 
_refine.overall_SU_ML                            ? 
_refine.pdbx_overall_ESU_R                       ? 
_refine.pdbx_data_cutoff_high_rms_absF           ? 
_refine.pdbx_refine_id                           'X-RAY DIFFRACTION' 
_refine.pdbx_diffrn_id                           1 
_refine.pdbx_TLS_residual_ADP_flag               ? 
_refine.pdbx_solvent_vdw_probe_radii             ? 
_refine.pdbx_solvent_ion_probe_radii             ? 
_refine.pdbx_solvent_shrinkage_radii             ? 
_refine.pdbx_overall_phase_error                 ? 
_refine.pdbx_overall_SU_R_free_Cruickshank_DPI   ? 
_refine.pdbx_overall_SU_R_Blow_DPI               ? 
_refine.pdbx_overall_SU_R_free_Blow_DPI          ? 
# 
_refine_analyze.entry_id                        1I9X 
_refine_analyze.Luzzati_coordinate_error_obs    0.36 
_refine_analyze.Luzzati_sigma_a_obs             0.54 
_refine_analyze.Luzzati_d_res_low_obs           5.0 
_refine_analyze.Luzzati_coordinate_error_free   0.47 
_refine_analyze.Luzzati_sigma_a_free            0.56 
_refine_analyze.Luzzati_d_res_low_free          ? 
_refine_analyze.number_disordered_residues      ? 
_refine_analyze.occupancy_sum_hydrogen          ? 
_refine_analyze.occupancy_sum_non_hydrogen      ? 
_refine_analyze.pdbx_refine_id                  'X-RAY DIFFRACTION' 
# 
_refine_hist.pdbx_refine_id                   'X-RAY DIFFRACTION' 
_refine_hist.cycle_id                         LAST 
_refine_hist.pdbx_number_atoms_protein        0 
_refine_hist.pdbx_number_atoms_nucleic_acid   546 
_refine_hist.pdbx_number_atoms_ligand         0 
_refine_hist.number_atoms_solvent             22 
_refine_hist.number_atoms_total               568 
_refine_hist.d_res_high                       2.18 
_refine_hist.d_res_low                        8.0 
# 
loop_
_refine_ls_restr.type 
_refine_ls_restr.dev_ideal 
_refine_ls_restr.dev_ideal_target 
_refine_ls_restr.weight 
_refine_ls_restr.number 
_refine_ls_restr.pdbx_refine_id 
_refine_ls_restr.pdbx_restraint_function 
c_bond_d           0.005 ? ? ? 'X-RAY DIFFRACTION' ? 
c_angle_deg        1.2   ? ? ? 'X-RAY DIFFRACTION' ? 
c_dihedral_angle_d 12.7  ? ? ? 'X-RAY DIFFRACTION' ? 
c_improper_angle_d 1.49  ? ? ? 'X-RAY DIFFRACTION' ? 
# 
_refine_ls_shell.pdbx_total_number_of_bins_used   ? 
_refine_ls_shell.d_res_high                       2.18 
_refine_ls_shell.d_res_low                        2.31 
_refine_ls_shell.number_reflns_R_work             ? 
_refine_ls_shell.R_factor_R_work                  0.4270000 
_refine_ls_shell.percent_reflns_obs               93.2 
_refine_ls_shell.R_factor_R_free                  0.4570000 
_refine_ls_shell.R_factor_R_free_error            0.055 
_refine_ls_shell.percent_reflns_R_free            ? 
_refine_ls_shell.number_reflns_R_free             69 
_refine_ls_shell.redundancy_reflns_obs            ? 
_refine_ls_shell.pdbx_refine_id                   'X-RAY DIFFRACTION' 
_refine_ls_shell.number_reflns_all                ? 
_refine_ls_shell.R_factor_all                     ? 
# 
_struct.entry_id                  1I9X 
_struct.title                     'CRYSTAL STRUCTURE OF BPS-U2 SNRNA DUPLEX' 
_struct.pdbx_model_details        ? 
_struct.pdbx_CASP_flag            ? 
_struct.pdbx_model_type_details   ? 
# 
_struct_keywords.entry_id        1I9X 
_struct_keywords.pdbx_keywords   RNA 
_struct_keywords.text            'pre-mRNA splicing, bulged adenosine, three helix junction, RNA' 
# 
loop_
_struct_asym.id 
_struct_asym.pdbx_blank_PDB_chainid_flag 
_struct_asym.pdbx_modified 
_struct_asym.entity_id 
_struct_asym.details 
A N N 1 ? 
B N N 1 ? 
C N N 2 ? 
D N N 2 ? 
# 
_struct_ref.id                         1 
_struct_ref.entity_id                  1 
_struct_ref.db_name                    PDB 
_struct_ref.db_code                    1I9X 
_struct_ref.pdbx_db_accession          1I9X 
_struct_ref.pdbx_db_isoform            ? 
_struct_ref.pdbx_seq_one_letter_code   ? 
_struct_ref.pdbx_align_begin           ? 
# 
loop_
_struct_ref_seq.align_id 
_struct_ref_seq.ref_id 
_struct_ref_seq.pdbx_PDB_id_code 
_struct_ref_seq.pdbx_strand_id 
_struct_ref_seq.seq_align_beg 
_struct_ref_seq.pdbx_seq_align_beg_ins_code 
_struct_ref_seq.seq_align_end 
_struct_ref_seq.pdbx_seq_align_end_ins_code 
_struct_ref_seq.pdbx_db_accession 
_struct_ref_seq.db_align_beg 
_struct_ref_seq.pdbx_db_align_beg_ins_code 
_struct_ref_seq.db_align_end 
_struct_ref_seq.pdbx_db_align_end_ins_code 
_struct_ref_seq.pdbx_auth_seq_align_beg 
_struct_ref_seq.pdbx_auth_seq_align_end 
1 1 1I9X A 1 ? 13 ? 1I9X 1 ? 13 ? 1 13 
2 1 1I9X B 1 ? 13 ? 1I9X 1 ? 13 ? 1 13 
# 
_pdbx_struct_assembly.id                   1 
_pdbx_struct_assembly.details              author_defined_assembly 
_pdbx_struct_assembly.method_details       ? 
_pdbx_struct_assembly.oligomeric_details   dimeric 
_pdbx_struct_assembly.oligomeric_count     2 
# 
_pdbx_struct_assembly_gen.assembly_id       1 
_pdbx_struct_assembly_gen.oper_expression   1 
_pdbx_struct_assembly_gen.asym_id_list      A,B,C,D 
# 
_pdbx_struct_oper_list.id                   1 
_pdbx_struct_oper_list.type                 'identity operation' 
_pdbx_struct_oper_list.name                 1_555 
_pdbx_struct_oper_list.symmetry_operation   x,y,z 
_pdbx_struct_oper_list.matrix[1][1]         1.0000000000 
_pdbx_struct_oper_list.matrix[1][2]         0.0000000000 
_pdbx_struct_oper_list.matrix[1][3]         0.0000000000 
_pdbx_struct_oper_list.vector[1]            0.0000000000 
_pdbx_struct_oper_list.matrix[2][1]         0.0000000000 
_pdbx_struct_oper_list.matrix[2][2]         1.0000000000 
_pdbx_struct_oper_list.matrix[2][3]         0.0000000000 
_pdbx_struct_oper_list.vector[2]            0.0000000000 
_pdbx_struct_oper_list.matrix[3][1]         0.0000000000 
_pdbx_struct_oper_list.matrix[3][2]         0.0000000000 
_pdbx_struct_oper_list.matrix[3][3]         1.0000000000 
_pdbx_struct_oper_list.vector[3]            0.0000000000 
# 
_struct_biol.id                    1 
_struct_biol.pdbx_parent_biol_id   ? 
_struct_biol.details               ? 
# 
loop_
_struct_conn.id 
_struct_conn.conn_type_id 
_struct_conn.pdbx_leaving_atom_flag 
_struct_conn.pdbx_PDB_id 
_struct_conn.ptnr1_label_asym_id 
_struct_conn.ptnr1_label_comp_id 
_struct_conn.ptnr1_label_seq_id 
_struct_conn.ptnr1_label_atom_id 
_struct_conn.pdbx_ptnr1_label_alt_id 
_struct_conn.pdbx_ptnr1_PDB_ins_code 
_struct_conn.pdbx_ptnr1_standard_comp_id 
_struct_conn.ptnr1_symmetry 
_struct_conn.ptnr2_label_asym_id 
_struct_conn.ptnr2_label_comp_id 
_struct_conn.ptnr2_label_seq_id 
_struct_conn.ptnr2_label_atom_id 
_struct_conn.pdbx_ptnr2_label_alt_id 
_struct_conn.pdbx_ptnr2_PDB_ins_code 
_struct_conn.ptnr1_auth_asym_id 
_struct_conn.ptnr1_auth_comp_id 
_struct_conn.ptnr1_auth_seq_id 
_struct_conn.ptnr2_auth_asym_id 
_struct_conn.ptnr2_auth_comp_id 
_struct_conn.ptnr2_auth_seq_id 
_struct_conn.ptnr2_symmetry 
_struct_conn.pdbx_ptnr3_label_atom_id 
_struct_conn.pdbx_ptnr3_label_seq_id 
_struct_conn.pdbx_ptnr3_label_comp_id 
_struct_conn.pdbx_ptnr3_label_asym_id 
_struct_conn.pdbx_ptnr3_label_alt_id 
_struct_conn.pdbx_ptnr3_PDB_ins_code 
_struct_conn.details 
_struct_conn.pdbx_dist_value 
_struct_conn.pdbx_value_order 
_struct_conn.pdbx_role 
hydrog1  hydrog ? ? A U 1  N3 ? ? ? 1_555 B A 13 N1 ? ? A U 1  B A 13 1_555 ? ? ? ? ? ? WATSON-CRICK ? ? ? 
hydrog2  hydrog ? ? A U 1  O4 ? ? ? 1_555 B A 13 N6 ? ? A U 1  B A 13 1_555 ? ? ? ? ? ? WATSON-CRICK ? ? ? 
hydrog3  hydrog ? ? A A 2  N1 ? ? ? 1_555 B U 12 N3 ? ? A A 2  B U 12 1_555 ? ? ? ? ? ? WATSON-CRICK ? ? ? 
hydrog4  hydrog ? ? A A 2  N6 ? ? ? 1_555 B U 12 O4 ? ? A A 2  B U 12 1_555 ? ? ? ? ? ? WATSON-CRICK ? ? ? 
hydrog5  hydrog ? ? A C 3  N3 ? ? ? 1_555 B G 11 N1 ? ? A C 3  B G 11 1_555 ? ? ? ? ? ? WATSON-CRICK ? ? ? 
hydrog6  hydrog ? ? A C 3  N4 ? ? ? 1_555 B G 11 O6 ? ? A C 3  B G 11 1_555 ? ? ? ? ? ? WATSON-CRICK ? ? ? 
hydrog7  hydrog ? ? A C 3  O2 ? ? ? 1_555 B G 11 N2 ? ? A C 3  B G 11 1_555 ? ? ? ? ? ? WATSON-CRICK ? ? ? 
hydrog8  hydrog ? ? A U 4  N3 ? ? ? 1_555 B A 10 N1 ? ? A U 4  B A 10 1_555 ? ? ? ? ? ? WATSON-CRICK ? ? ? 
hydrog9  hydrog ? ? A U 4  O4 ? ? ? 1_555 B A 10 N6 ? ? A U 4  B A 10 1_555 ? ? ? ? ? ? WATSON-CRICK ? ? ? 
hydrog10 hydrog ? ? A A 6  N1 ? ? ? 1_555 B U 9  N3 ? ? A A 6  B U 9  1_555 ? ? ? ? ? ? WATSON-CRICK ? ? ? 
hydrog11 hydrog ? ? A A 6  N6 ? ? ? 1_555 B U 9  O4 ? ? A A 6  B U 9  1_555 ? ? ? ? ? ? WATSON-CRICK ? ? ? 
hydrog12 hydrog ? ? A C 7  N3 ? ? ? 1_555 B G 8  N1 ? ? A C 7  B G 8  1_555 ? ? ? ? ? ? WATSON-CRICK ? ? ? 
hydrog13 hydrog ? ? A C 7  N4 ? ? ? 1_555 B G 8  O6 ? ? A C 7  B G 8  1_555 ? ? ? ? ? ? WATSON-CRICK ? ? ? 
hydrog14 hydrog ? ? A C 7  O2 ? ? ? 1_555 B G 8  N2 ? ? A C 7  B G 8  1_555 ? ? ? ? ? ? WATSON-CRICK ? ? ? 
hydrog15 hydrog ? ? A G 8  N1 ? ? ? 1_555 B C 7  N3 ? ? A G 8  B C 7  1_555 ? ? ? ? ? ? WATSON-CRICK ? ? ? 
hydrog16 hydrog ? ? A G 8  N2 ? ? ? 1_555 B C 7  O2 ? ? A G 8  B C 7  1_555 ? ? ? ? ? ? WATSON-CRICK ? ? ? 
hydrog17 hydrog ? ? A G 8  O6 ? ? ? 1_555 B C 7  N4 ? ? A G 8  B C 7  1_555 ? ? ? ? ? ? WATSON-CRICK ? ? ? 
hydrog18 hydrog ? ? A U 9  N3 ? ? ? 1_555 B A 6  N1 ? ? A U 9  B A 6  1_555 ? ? ? ? ? ? WATSON-CRICK ? ? ? 
hydrog19 hydrog ? ? A U 9  O4 ? ? ? 1_555 B A 6  N6 ? ? A U 9  B A 6  1_555 ? ? ? ? ? ? WATSON-CRICK ? ? ? 
hydrog20 hydrog ? ? A A 10 N1 ? ? ? 1_555 B U 4  N3 ? ? A A 10 B U 4  1_555 ? ? ? ? ? ? WATSON-CRICK ? ? ? 
hydrog21 hydrog ? ? A A 10 N6 ? ? ? 1_555 B U 4  O4 ? ? A A 10 B U 4  1_555 ? ? ? ? ? ? WATSON-CRICK ? ? ? 
hydrog22 hydrog ? ? A G 11 N1 ? ? ? 1_555 B C 3  N3 ? ? A G 11 B C 3  1_555 ? ? ? ? ? ? WATSON-CRICK ? ? ? 
hydrog23 hydrog ? ? A G 11 N2 ? ? ? 1_555 B C 3  O2 ? ? A G 11 B C 3  1_555 ? ? ? ? ? ? WATSON-CRICK ? ? ? 
hydrog24 hydrog ? ? A G 11 O6 ? ? ? 1_555 B C 3  N4 ? ? A G 11 B C 3  1_555 ? ? ? ? ? ? WATSON-CRICK ? ? ? 
hydrog25 hydrog ? ? A U 12 N3 ? ? ? 1_555 B A 2  N1 ? ? A U 12 B A 2  1_555 ? ? ? ? ? ? WATSON-CRICK ? ? ? 
hydrog26 hydrog ? ? A U 12 O4 ? ? ? 1_555 B A 2  N6 ? ? A U 12 B A 2  1_555 ? ? ? ? ? ? WATSON-CRICK ? ? ? 
hydrog27 hydrog ? ? A A 13 N1 ? ? ? 1_555 B U 1  N3 ? ? A A 13 B U 1  1_555 ? ? ? ? ? ? WATSON-CRICK ? ? ? 
hydrog28 hydrog ? ? A A 13 N6 ? ? ? 1_555 B U 1  O4 ? ? A A 13 B U 1  1_555 ? ? ? ? ? ? WATSON-CRICK ? ? ? 
# 
_struct_conn_type.id          hydrog 
_struct_conn_type.criteria    ? 
_struct_conn_type.reference   ? 
# 
loop_
_chem_comp_atom.comp_id 
_chem_comp_atom.atom_id 
_chem_comp_atom.type_symbol 
_chem_comp_atom.pdbx_aromatic_flag 
_chem_comp_atom.pdbx_stereo_config 
_chem_comp_atom.pdbx_ordinal 
A   OP3    O N N 1   
A   P      P N N 2   
A   OP1    O N N 3   
A   OP2    O N N 4   
A   "O5'"  O N N 5   
A   "C5'"  C N N 6   
A   "C4'"  C N R 7   
A   "O4'"  O N N 8   
A   "C3'"  C N S 9   
A   "O3'"  O N N 10  
A   "C2'"  C N R 11  
A   "O2'"  O N N 12  
A   "C1'"  C N R 13  
A   N9     N Y N 14  
A   C8     C Y N 15  
A   N7     N Y N 16  
A   C5     C Y N 17  
A   C6     C Y N 18  
A   N6     N N N 19  
A   N1     N Y N 20  
A   C2     C Y N 21  
A   N3     N Y N 22  
A   C4     C Y N 23  
A   HOP3   H N N 24  
A   HOP2   H N N 25  
A   "H5'"  H N N 26  
A   "H5''" H N N 27  
A   "H4'"  H N N 28  
A   "H3'"  H N N 29  
A   "HO3'" H N N 30  
A   "H2'"  H N N 31  
A   "HO2'" H N N 32  
A   "H1'"  H N N 33  
A   H8     H N N 34  
A   H61    H N N 35  
A   H62    H N N 36  
A   H2     H N N 37  
C   OP3    O N N 38  
C   P      P N N 39  
C   OP1    O N N 40  
C   OP2    O N N 41  
C   "O5'"  O N N 42  
C   "C5'"  C N N 43  
C   "C4'"  C N R 44  
C   "O4'"  O N N 45  
C   "C3'"  C N S 46  
C   "O3'"  O N N 47  
C   "C2'"  C N R 48  
C   "O2'"  O N N 49  
C   "C1'"  C N R 50  
C   N1     N N N 51  
C   C2     C N N 52  
C   O2     O N N 53  
C   N3     N N N 54  
C   C4     C N N 55  
C   N4     N N N 56  
C   C5     C N N 57  
C   C6     C N N 58  
C   HOP3   H N N 59  
C   HOP2   H N N 60  
C   "H5'"  H N N 61  
C   "H5''" H N N 62  
C   "H4'"  H N N 63  
C   "H3'"  H N N 64  
C   "HO3'" H N N 65  
C   "H2'"  H N N 66  
C   "HO2'" H N N 67  
C   "H1'"  H N N 68  
C   H41    H N N 69  
C   H42    H N N 70  
C   H5     H N N 71  
C   H6     H N N 72  
G   OP3    O N N 73  
G   P      P N N 74  
G   OP1    O N N 75  
G   OP2    O N N 76  
G   "O5'"  O N N 77  
G   "C5'"  C N N 78  
G   "C4'"  C N R 79  
G   "O4'"  O N N 80  
G   "C3'"  C N S 81  
G   "O3'"  O N N 82  
G   "C2'"  C N R 83  
G   "O2'"  O N N 84  
G   "C1'"  C N R 85  
G   N9     N Y N 86  
G   C8     C Y N 87  
G   N7     N Y N 88  
G   C5     C Y N 89  
G   C6     C N N 90  
G   O6     O N N 91  
G   N1     N N N 92  
G   C2     C N N 93  
G   N2     N N N 94  
G   N3     N N N 95  
G   C4     C Y N 96  
G   HOP3   H N N 97  
G   HOP2   H N N 98  
G   "H5'"  H N N 99  
G   "H5''" H N N 100 
G   "H4'"  H N N 101 
G   "H3'"  H N N 102 
G   "HO3'" H N N 103 
G   "H2'"  H N N 104 
G   "HO2'" H N N 105 
G   "H1'"  H N N 106 
G   H8     H N N 107 
G   H1     H N N 108 
G   H21    H N N 109 
G   H22    H N N 110 
HOH O      O N N 111 
HOH H1     H N N 112 
HOH H2     H N N 113 
U   OP3    O N N 114 
U   P      P N N 115 
U   OP1    O N N 116 
U   OP2    O N N 117 
U   "O5'"  O N N 118 
U   "C5'"  C N N 119 
U   "C4'"  C N R 120 
U   "O4'"  O N N 121 
U   "C3'"  C N S 122 
U   "O3'"  O N N 123 
U   "C2'"  C N R 124 
U   "O2'"  O N N 125 
U   "C1'"  C N R 126 
U   N1     N N N 127 
U   C2     C N N 128 
U   O2     O N N 129 
U   N3     N N N 130 
U   C4     C N N 131 
U   O4     O N N 132 
U   C5     C N N 133 
U   C6     C N N 134 
U   HOP3   H N N 135 
U   HOP2   H N N 136 
U   "H5'"  H N N 137 
U   "H5''" H N N 138 
U   "H4'"  H N N 139 
U   "H3'"  H N N 140 
U   "HO3'" H N N 141 
U   "H2'"  H N N 142 
U   "HO2'" H N N 143 
U   "H1'"  H N N 144 
U   H3     H N N 145 
U   H5     H N N 146 
U   H6     H N N 147 
# 
loop_
_chem_comp_bond.comp_id 
_chem_comp_bond.atom_id_1 
_chem_comp_bond.atom_id_2 
_chem_comp_bond.value_order 
_chem_comp_bond.pdbx_aromatic_flag 
_chem_comp_bond.pdbx_stereo_config 
_chem_comp_bond.pdbx_ordinal 
A   OP3   P      sing N N 1   
A   OP3   HOP3   sing N N 2   
A   P     OP1    doub N N 3   
A   P     OP2    sing N N 4   
A   P     "O5'"  sing N N 5   
A   OP2   HOP2   sing N N 6   
A   "O5'" "C5'"  sing N N 7   
A   "C5'" "C4'"  sing N N 8   
A   "C5'" "H5'"  sing N N 9   
A   "C5'" "H5''" sing N N 10  
A   "C4'" "O4'"  sing N N 11  
A   "C4'" "C3'"  sing N N 12  
A   "C4'" "H4'"  sing N N 13  
A   "O4'" "C1'"  sing N N 14  
A   "C3'" "O3'"  sing N N 15  
A   "C3'" "C2'"  sing N N 16  
A   "C3'" "H3'"  sing N N 17  
A   "O3'" "HO3'" sing N N 18  
A   "C2'" "O2'"  sing N N 19  
A   "C2'" "C1'"  sing N N 20  
A   "C2'" "H2'"  sing N N 21  
A   "O2'" "HO2'" sing N N 22  
A   "C1'" N9     sing N N 23  
A   "C1'" "H1'"  sing N N 24  
A   N9    C8     sing Y N 25  
A   N9    C4     sing Y N 26  
A   C8    N7     doub Y N 27  
A   C8    H8     sing N N 28  
A   N7    C5     sing Y N 29  
A   C5    C6     sing Y N 30  
A   C5    C4     doub Y N 31  
A   C6    N6     sing N N 32  
A   C6    N1     doub Y N 33  
A   N6    H61    sing N N 34  
A   N6    H62    sing N N 35  
A   N1    C2     sing Y N 36  
A   C2    N3     doub Y N 37  
A   C2    H2     sing N N 38  
A   N3    C4     sing Y N 39  
C   OP3   P      sing N N 40  
C   OP3   HOP3   sing N N 41  
C   P     OP1    doub N N 42  
C   P     OP2    sing N N 43  
C   P     "O5'"  sing N N 44  
C   OP2   HOP2   sing N N 45  
C   "O5'" "C5'"  sing N N 46  
C   "C5'" "C4'"  sing N N 47  
C   "C5'" "H5'"  sing N N 48  
C   "C5'" "H5''" sing N N 49  
C   "C4'" "O4'"  sing N N 50  
C   "C4'" "C3'"  sing N N 51  
C   "C4'" "H4'"  sing N N 52  
C   "O4'" "C1'"  sing N N 53  
C   "C3'" "O3'"  sing N N 54  
C   "C3'" "C2'"  sing N N 55  
C   "C3'" "H3'"  sing N N 56  
C   "O3'" "HO3'" sing N N 57  
C   "C2'" "O2'"  sing N N 58  
C   "C2'" "C1'"  sing N N 59  
C   "C2'" "H2'"  sing N N 60  
C   "O2'" "HO2'" sing N N 61  
C   "C1'" N1     sing N N 62  
C   "C1'" "H1'"  sing N N 63  
C   N1    C2     sing N N 64  
C   N1    C6     sing N N 65  
C   C2    O2     doub N N 66  
C   C2    N3     sing N N 67  
C   N3    C4     doub N N 68  
C   C4    N4     sing N N 69  
C   C4    C5     sing N N 70  
C   N4    H41    sing N N 71  
C   N4    H42    sing N N 72  
C   C5    C6     doub N N 73  
C   C5    H5     sing N N 74  
C   C6    H6     sing N N 75  
G   OP3   P      sing N N 76  
G   OP3   HOP3   sing N N 77  
G   P     OP1    doub N N 78  
G   P     OP2    sing N N 79  
G   P     "O5'"  sing N N 80  
G   OP2   HOP2   sing N N 81  
G   "O5'" "C5'"  sing N N 82  
G   "C5'" "C4'"  sing N N 83  
G   "C5'" "H5'"  sing N N 84  
G   "C5'" "H5''" sing N N 85  
G   "C4'" "O4'"  sing N N 86  
G   "C4'" "C3'"  sing N N 87  
G   "C4'" "H4'"  sing N N 88  
G   "O4'" "C1'"  sing N N 89  
G   "C3'" "O3'"  sing N N 90  
G   "C3'" "C2'"  sing N N 91  
G   "C3'" "H3'"  sing N N 92  
G   "O3'" "HO3'" sing N N 93  
G   "C2'" "O2'"  sing N N 94  
G   "C2'" "C1'"  sing N N 95  
G   "C2'" "H2'"  sing N N 96  
G   "O2'" "HO2'" sing N N 97  
G   "C1'" N9     sing N N 98  
G   "C1'" "H1'"  sing N N 99  
G   N9    C8     sing Y N 100 
G   N9    C4     sing Y N 101 
G   C8    N7     doub Y N 102 
G   C8    H8     sing N N 103 
G   N7    C5     sing Y N 104 
G   C5    C6     sing N N 105 
G   C5    C4     doub Y N 106 
G   C6    O6     doub N N 107 
G   C6    N1     sing N N 108 
G   N1    C2     sing N N 109 
G   N1    H1     sing N N 110 
G   C2    N2     sing N N 111 
G   C2    N3     doub N N 112 
G   N2    H21    sing N N 113 
G   N2    H22    sing N N 114 
G   N3    C4     sing N N 115 
HOH O     H1     sing N N 116 
HOH O     H2     sing N N 117 
U   OP3   P      sing N N 118 
U   OP3   HOP3   sing N N 119 
U   P     OP1    doub N N 120 
U   P     OP2    sing N N 121 
U   P     "O5'"  sing N N 122 
U   OP2   HOP2   sing N N 123 
U   "O5'" "C5'"  sing N N 124 
U   "C5'" "C4'"  sing N N 125 
U   "C5'" "H5'"  sing N N 126 
U   "C5'" "H5''" sing N N 127 
U   "C4'" "O4'"  sing N N 128 
U   "C4'" "C3'"  sing N N 129 
U   "C4'" "H4'"  sing N N 130 
U   "O4'" "C1'"  sing N N 131 
U   "C3'" "O3'"  sing N N 132 
U   "C3'" "C2'"  sing N N 133 
U   "C3'" "H3'"  sing N N 134 
U   "O3'" "HO3'" sing N N 135 
U   "C2'" "O2'"  sing N N 136 
U   "C2'" "C1'"  sing N N 137 
U   "C2'" "H2'"  sing N N 138 
U   "O2'" "HO2'" sing N N 139 
U   "C1'" N1     sing N N 140 
U   "C1'" "H1'"  sing N N 141 
U   N1    C2     sing N N 142 
U   N1    C6     sing N N 143 
U   C2    O2     doub N N 144 
U   C2    N3     sing N N 145 
U   N3    C4     sing N N 146 
U   N3    H3     sing N N 147 
U   C4    O4     doub N N 148 
U   C4    C5     sing N N 149 
U   C5    C6     doub N N 150 
U   C5    H5     sing N N 151 
U   C6    H6     sing N N 152 
# 
loop_
_ndb_struct_conf_na.entry_id 
_ndb_struct_conf_na.feature 
1I9X 'double helix'        
1I9X 'a-form double helix' 
1I9X 'bulge loop'          
# 
loop_
_ndb_struct_na_base_pair.model_number 
_ndb_struct_na_base_pair.i_label_asym_id 
_ndb_struct_na_base_pair.i_label_comp_id 
_ndb_struct_na_base_pair.i_label_seq_id 
_ndb_struct_na_base_pair.i_symmetry 
_ndb_struct_na_base_pair.j_label_asym_id 
_ndb_struct_na_base_pair.j_label_comp_id 
_ndb_struct_na_base_pair.j_label_seq_id 
_ndb_struct_na_base_pair.j_symmetry 
_ndb_struct_na_base_pair.shear 
_ndb_struct_na_base_pair.stretch 
_ndb_struct_na_base_pair.stagger 
_ndb_struct_na_base_pair.buckle 
_ndb_struct_na_base_pair.propeller 
_ndb_struct_na_base_pair.opening 
_ndb_struct_na_base_pair.pair_number 
_ndb_struct_na_base_pair.pair_name 
_ndb_struct_na_base_pair.i_auth_asym_id 
_ndb_struct_na_base_pair.i_auth_seq_id 
_ndb_struct_na_base_pair.i_PDB_ins_code 
_ndb_struct_na_base_pair.j_auth_asym_id 
_ndb_struct_na_base_pair.j_auth_seq_id 
_ndb_struct_na_base_pair.j_PDB_ins_code 
_ndb_struct_na_base_pair.hbond_type_28 
_ndb_struct_na_base_pair.hbond_type_12 
1 A U 1  1_555 B A 13 1_555 -0.365 -0.092 0.356  4.911  -9.189  7.154  1  A_U1:A13_B A 1  ? B 13 ? 20 1 
1 A A 2  1_555 B U 12 1_555 -0.184 -0.187 0.528  -1.329 -17.797 3.879  2  A_A2:U12_B A 2  ? B 12 ? 20 1 
1 A C 3  1_555 B G 11 1_555 0.245  -0.155 0.445  -2.820 -18.735 6.501  3  A_C3:G11_B A 3  ? B 11 ? 19 1 
1 A U 4  1_555 B A 10 1_555 0.179  -0.236 0.175  0.270  -16.122 -0.508 4  A_U4:A10_B A 4  ? B 10 ? 20 1 
1 A A 6  1_555 B U 9  1_555 0.237  -0.233 -0.458 -8.766 -14.060 13.839 5  A_A6:U9_B  A 6  ? B 9  ? 20 1 
1 A C 7  1_555 B G 8  1_555 0.168  -0.139 -1.059 17.448 -17.470 2.373  6  A_C7:G8_B  A 7  ? B 8  ? 19 1 
1 A G 8  1_555 B C 7  1_555 -0.350 0.031  0.221  -0.936 -12.536 6.261  7  A_G8:C7_B  A 8  ? B 7  ? 19 1 
1 A U 9  1_555 B A 6  1_555 -0.260 -0.346 0.262  0.295  -11.272 6.848  8  A_U9:A6_B  A 9  ? B 6  ? 20 1 
1 A A 10 1_555 B U 4  1_555 0.355  -0.225 0.490  -2.048 -9.970  -0.311 9  A_A10:U4_B A 10 ? B 4  ? 20 1 
1 A G 11 1_555 B C 3  1_555 -0.460 0.013  0.477  -3.324 -16.788 2.488  10 A_G11:C3_B A 11 ? B 3  ? 19 1 
1 A U 12 1_555 B A 2  1_555 -0.178 0.059  0.414  -5.864 -13.007 8.348  11 A_U12:A2_B A 12 ? B 2  ? 20 1 
1 A A 13 1_555 B U 1  1_555 0.286  -0.086 0.420  -3.181 -6.283  2.172  12 A_A13:U1_B A 13 ? B 1  ? 20 1 
# 
loop_
_ndb_struct_na_base_pair_step.model_number 
_ndb_struct_na_base_pair_step.i_label_asym_id_1 
_ndb_struct_na_base_pair_step.i_label_comp_id_1 
_ndb_struct_na_base_pair_step.i_label_seq_id_1 
_ndb_struct_na_base_pair_step.i_symmetry_1 
_ndb_struct_na_base_pair_step.j_label_asym_id_1 
_ndb_struct_na_base_pair_step.j_label_comp_id_1 
_ndb_struct_na_base_pair_step.j_label_seq_id_1 
_ndb_struct_na_base_pair_step.j_symmetry_1 
_ndb_struct_na_base_pair_step.i_label_asym_id_2 
_ndb_struct_na_base_pair_step.i_label_comp_id_2 
_ndb_struct_na_base_pair_step.i_label_seq_id_2 
_ndb_struct_na_base_pair_step.i_symmetry_2 
_ndb_struct_na_base_pair_step.j_label_asym_id_2 
_ndb_struct_na_base_pair_step.j_label_comp_id_2 
_ndb_struct_na_base_pair_step.j_label_seq_id_2 
_ndb_struct_na_base_pair_step.j_symmetry_2 
_ndb_struct_na_base_pair_step.shift 
_ndb_struct_na_base_pair_step.slide 
_ndb_struct_na_base_pair_step.rise 
_ndb_struct_na_base_pair_step.tilt 
_ndb_struct_na_base_pair_step.roll 
_ndb_struct_na_base_pair_step.twist 
_ndb_struct_na_base_pair_step.x_displacement 
_ndb_struct_na_base_pair_step.y_displacement 
_ndb_struct_na_base_pair_step.helical_rise 
_ndb_struct_na_base_pair_step.inclination 
_ndb_struct_na_base_pair_step.tip 
_ndb_struct_na_base_pair_step.helical_twist 
_ndb_struct_na_base_pair_step.step_number 
_ndb_struct_na_base_pair_step.step_name 
_ndb_struct_na_base_pair_step.i_auth_asym_id_1 
_ndb_struct_na_base_pair_step.i_auth_seq_id_1 
_ndb_struct_na_base_pair_step.i_PDB_ins_code_1 
_ndb_struct_na_base_pair_step.j_auth_asym_id_1 
_ndb_struct_na_base_pair_step.j_auth_seq_id_1 
_ndb_struct_na_base_pair_step.j_PDB_ins_code_1 
_ndb_struct_na_base_pair_step.i_auth_asym_id_2 
_ndb_struct_na_base_pair_step.i_auth_seq_id_2 
_ndb_struct_na_base_pair_step.i_PDB_ins_code_2 
_ndb_struct_na_base_pair_step.j_auth_asym_id_2 
_ndb_struct_na_base_pair_step.j_auth_seq_id_2 
_ndb_struct_na_base_pair_step.j_PDB_ins_code_2 
1 A U 1  1_555 B A 13 1_555 A A 2  1_555 B U 12 1_555 -0.458 -1.404 3.234 -4.709 10.620 33.911 -3.717 0.111  2.723 17.580 7.794   
35.790 1  AA_U1A2:U12A13_BB A 1  ? B 13 ? A 2  ? B 12 ? 
1 A A 2  1_555 B U 12 1_555 A C 3  1_555 B G 11 1_555 -0.438 -1.233 3.296 -2.201 3.943  33.236 -2.779 0.401  3.154 6.854  3.826   
33.533 2  AA_A2C3:G11U12_BB A 2  ? B 12 ? A 3  ? B 11 ? 
1 A C 3  1_555 B G 11 1_555 A U 4  1_555 B A 10 1_555 -0.600 -1.100 3.100 -0.201 8.436  32.098 -3.213 1.021  2.734 14.937 0.356   
33.161 3  AA_C3U4:A10G11_BB A 3  ? B 11 ? A 4  ? B 10 ? 
1 A U 4  1_555 B A 10 1_555 A A 6  1_555 B U 9  1_555 -0.633 -1.451 3.468 1.298  9.109  40.178 -3.059 1.042  3.061 13.053 -1.860  
41.175 4  AA_U4A6:U9A10_BB  A 4  ? B 10 ? A 6  ? B 9  ? 
1 A A 6  1_555 B U 9  1_555 A C 7  1_555 B G 8  1_555 -0.563 -0.951 2.667 5.188  3.656  28.717 -2.488 1.981  2.394 7.259  -10.301 
29.396 5  AA_A6C7:G8U9_BB   A 6  ? B 9  ? A 7  ? B 8  ? 
1 A C 7  1_555 B G 8  1_555 A G 8  1_555 B C 7  1_555 1.139  -1.821 3.755 -6.202 16.653 24.981 -6.599 -3.332 1.877 33.605 12.515  
30.574 6  AA_C7G8:C7G8_BB   A 7  ? B 8  ? A 8  ? B 7  ? 
1 A G 8  1_555 B C 7  1_555 A U 9  1_555 B A 6  1_555 -0.358 -1.882 3.235 -0.495 1.265  31.559 -3.688 0.569  3.164 2.324  0.910   
31.587 7  AA_G8U9:A6C7_BB   A 8  ? B 7  ? A 9  ? B 6  ? 
1 A U 9  1_555 B A 6  1_555 A A 10 1_555 B U 4  1_555 0.495  -1.516 3.094 1.431  6.758  39.613 -2.906 -0.572 2.824 9.880  -2.092  
40.187 8  AA_U9A10:U4A6_BB  A 9  ? B 6  ? A 10 ? B 4  ? 
1 A A 10 1_555 B U 4  1_555 A G 11 1_555 B C 3  1_555 0.696  -1.541 3.136 3.069  12.248 27.928 -5.044 -0.787 2.332 23.893 -5.986  
30.598 9  AA_A10G11:C3U4_BB A 10 ? B 4  ? A 11 ? B 3  ? 
1 A G 11 1_555 B C 3  1_555 A U 12 1_555 B A 2  1_555 0.533  -1.420 3.340 2.237  4.024  33.643 -3.078 -0.554 3.182 6.912  -3.843  
33.948 10 AA_G11U12:A2C3_BB A 11 ? B 3  ? A 12 ? B 2  ? 
1 A U 12 1_555 B A 2  1_555 A A 13 1_555 B U 1  1_555 -0.238 -1.455 2.948 1.041  10.276 35.876 -3.421 0.488  2.446 16.271 -1.649  
37.286 11 AA_U12A13:U1A2_BB A 12 ? B 2  ? A 13 ? B 1  ? 
# 
_atom_sites.entry_id                    1I9X 
_atom_sites.fract_transf_matrix[1][1]   -0.01196291 
_atom_sites.fract_transf_matrix[1][2]   0.02224273 
_atom_sites.fract_transf_matrix[1][3]   0.02398017 
_atom_sites.fract_transf_matrix[2][1]   -0.00083476 
_atom_sites.fract_transf_matrix[2][2]   0.01707185 
_atom_sites.fract_transf_matrix[2][3]   -0.01625138 
_atom_sites.fract_transf_matrix[3][1]   -0.02883861 
_atom_sites.fract_transf_matrix[3][2]   -0.00691123 
_atom_sites.fract_transf_matrix[3][3]   -0.00577884 
_atom_sites.fract_transf_vector[1]      -0.224532 
_atom_sites.fract_transf_vector[2]      -0.004064 
_atom_sites.fract_transf_vector[3]      0.497981 
# 
loop_
_atom_type.symbol 
C 
N 
O 
P 
# 
loop_
_atom_site.group_PDB 
_atom_site.id 
_atom_site.type_symbol 
_atom_site.label_atom_id 
_atom_site.label_alt_id 
_atom_site.label_comp_id 
_atom_site.label_asym_id 
_atom_site.label_entity_id 
_atom_site.label_seq_id 
_atom_site.pdbx_PDB_ins_code 
_atom_site.Cartn_x 
_atom_site.Cartn_y 
_atom_site.Cartn_z 
_atom_site.occupancy 
_atom_site.B_iso_or_equiv 
_atom_site.pdbx_formal_charge 
_atom_site.auth_seq_id 
_atom_site.auth_comp_id 
_atom_site.auth_asym_id 
_atom_site.auth_atom_id 
_atom_site.pdbx_PDB_model_num 
ATOM   1   O "O5'" . U   A 1 1  ? 11.108  9.811   1.772   1.00 72.11 ? 1  U   A "O5'" 1 
ATOM   2   C "C5'" . U   A 1 1  ? 11.119  10.632  0.604   1.00 71.04 ? 1  U   A "C5'" 1 
ATOM   3   C "C4'" . U   A 1 1  ? 11.725  9.903   -0.569  1.00 70.45 ? 1  U   A "C4'" 1 
ATOM   4   O "O4'" . U   A 1 1  ? 13.007  9.354   -0.161  1.00 71.15 ? 1  U   A "O4'" 1 
ATOM   5   C "C3'" . U   A 1 1  ? 10.950  8.689   -1.053  1.00 70.87 ? 1  U   A "C3'" 1 
ATOM   6   O "O3'" . U   A 1 1  ? 9.922   9.071   -1.959  1.00 73.24 ? 1  U   A "O3'" 1 
ATOM   7   C "C2'" . U   A 1 1  ? 12.038  7.876   -1.743  1.00 69.00 ? 1  U   A "C2'" 1 
ATOM   8   O "O2'" . U   A 1 1  ? 12.368  8.381   -3.020  1.00 69.56 ? 1  U   A "O2'" 1 
ATOM   9   C "C1'" . U   A 1 1  ? 13.223  8.112   -0.809  1.00 67.20 ? 1  U   A "C1'" 1 
ATOM   10  N N1    . U   A 1 1  ? 13.370  7.068   0.213   1.00 63.74 ? 1  U   A N1    1 
ATOM   11  C C2    . U   A 1 1  ? 13.992  5.888   -0.168  1.00 61.83 ? 1  U   A C2    1 
ATOM   12  O O2    . U   A 1 1  ? 14.396  5.693   -1.299  1.00 61.51 ? 1  U   A O2    1 
ATOM   13  N N3    . U   A 1 1  ? 14.119  4.950   0.823   1.00 59.09 ? 1  U   A N3    1 
ATOM   14  C C4    . U   A 1 1  ? 13.696  5.066   2.133   1.00 60.57 ? 1  U   A C4    1 
ATOM   15  O O4    . U   A 1 1  ? 13.882  4.130   2.913   1.00 58.99 ? 1  U   A O4    1 
ATOM   16  C C5    . U   A 1 1  ? 13.054  6.313   2.449   1.00 60.22 ? 1  U   A C5    1 
ATOM   17  C C6    . U   A 1 1  ? 12.916  7.247   1.501   1.00 61.09 ? 1  U   A C6    1 
ATOM   18  P P     . A   A 1 2  ? 8.671   8.091   -2.198  1.00 74.84 ? 2  A   A P     1 
ATOM   19  O OP1   . A   A 1 2  ? 7.669   8.801   -3.035  1.00 75.13 ? 2  A   A OP1   1 
ATOM   20  O OP2   . A   A 1 2  ? 8.272   7.530   -0.877  1.00 74.41 ? 2  A   A OP2   1 
ATOM   21  O "O5'" . A   A 1 2  ? 9.275   6.906   -3.074  1.00 74.53 ? 2  A   A "O5'" 1 
ATOM   22  C "C5'" . A   A 1 2  ? 9.807   7.156   -4.378  1.00 73.06 ? 2  A   A "C5'" 1 
ATOM   23  C "C4'" . A   A 1 2  ? 10.469  5.911   -4.914  1.00 73.12 ? 2  A   A "C4'" 1 
ATOM   24  O "O4'" . A   A 1 2  ? 11.615  5.580   -4.087  1.00 71.41 ? 2  A   A "O4'" 1 
ATOM   25  C "C3'" . A   A 1 2  ? 9.612   4.661   -4.859  1.00 73.19 ? 2  A   A "C3'" 1 
ATOM   26  O "O3'" . A   A 1 2  ? 8.763   4.571   -5.992  1.00 75.83 ? 2  A   A "O3'" 1 
ATOM   27  C "C2'" . A   A 1 2  ? 10.654  3.555   -4.867  1.00 72.15 ? 2  A   A "C2'" 1 
ATOM   28  O "O2'" . A   A 1 2  ? 11.164  3.308   -6.165  1.00 72.98 ? 2  A   A "O2'" 1 
ATOM   29  C "C1'" . A   A 1 2  ? 11.750  4.173   -4.004  1.00 70.73 ? 2  A   A "C1'" 1 
ATOM   30  N N9    . A   A 1 2  ? 11.659  3.789   -2.601  1.00 67.95 ? 2  A   A N9    1 
ATOM   31  C C8    . A   A 1 2  ? 11.227  4.556   -1.555  1.00 67.58 ? 2  A   A C8    1 
ATOM   32  N N7    . A   A 1 2  ? 11.271  3.944   -0.398  1.00 66.96 ? 2  A   A N7    1 
ATOM   33  C C5    . A   A 1 2  ? 11.761  2.687   -0.704  1.00 64.47 ? 2  A   A C5    1 
ATOM   34  C C6    . A   A 1 2  ? 12.042  1.570   0.087   1.00 63.75 ? 2  A   A C6    1 
ATOM   35  N N6    . A   A 1 2  ? 11.878  1.543   1.412   1.00 61.19 ? 2  A   A N6    1 
ATOM   36  N N1    . A   A 1 2  ? 12.515  0.464   -0.532  1.00 64.34 ? 2  A   A N1    1 
ATOM   37  C C2    . A   A 1 2  ? 12.700  0.500   -1.855  1.00 64.36 ? 2  A   A C2    1 
ATOM   38  N N3    . A   A 1 2  ? 12.480  1.496   -2.707  1.00 65.23 ? 2  A   A N3    1 
ATOM   39  C C4    . A   A 1 2  ? 12.002  2.574   -2.059  1.00 66.41 ? 2  A   A C4    1 
ATOM   40  P P     . C   A 1 3  ? 7.370   3.783   -5.872  1.00 77.56 ? 3  C   A P     1 
ATOM   41  O OP1   . C   A 1 3  ? 6.505   4.147   -7.022  1.00 78.39 ? 3  C   A OP1   1 
ATOM   42  O OP2   . C   A 1 3  ? 6.879   3.979   -4.486  1.00 76.66 ? 3  C   A OP2   1 
ATOM   43  O "O5'" . C   A 1 3  ? 7.767   2.245   -5.993  1.00 77.34 ? 3  C   A "O5'" 1 
ATOM   44  C "C5'" . C   A 1 3  ? 8.431   1.728   -7.142  1.00 76.54 ? 3  C   A "C5'" 1 
ATOM   45  C "C4'" . C   A 1 3  ? 8.944   0.345   -6.838  1.00 77.79 ? 3  C   A "C4'" 1 
ATOM   46  O "O4'" . C   A 1 3  ? 9.900   0.447   -5.751  1.00 77.72 ? 3  C   A "O4'" 1 
ATOM   47  C "C3'" . C   A 1 3  ? 7.891   -0.614  -6.306  1.00 78.25 ? 3  C   A "C3'" 1 
ATOM   48  O "O3'" . C   A 1 3  ? 7.203   -1.263  -7.367  1.00 79.84 ? 3  C   A "O3'" 1 
ATOM   49  C "C2'" . C   A 1 3  ? 8.724   -1.603  -5.506  1.00 78.21 ? 3  C   A "C2'" 1 
ATOM   50  O "O2'" . C   A 1 3  ? 9.328   -2.581  -6.327  1.00 78.66 ? 3  C   A "O2'" 1 
ATOM   51  C "C1'" . C   A 1 3  ? 9.794   -0.687  -4.910  1.00 77.63 ? 3  C   A "C1'" 1 
ATOM   52  N N1    . C   A 1 3  ? 9.492   -0.231  -3.543  1.00 77.10 ? 3  C   A N1    1 
ATOM   53  C C2    . C   A 1 3  ? 9.705   -1.117  -2.485  1.00 77.30 ? 3  C   A C2    1 
ATOM   54  O O2    . C   A 1 3  ? 10.099  -2.267  -2.738  1.00 78.24 ? 3  C   A O2    1 
ATOM   55  N N3    . C   A 1 3  ? 9.469   -0.706  -1.217  1.00 76.31 ? 3  C   A N3    1 
ATOM   56  C C4    . C   A 1 3  ? 9.018   0.530   -0.989  1.00 76.08 ? 3  C   A C4    1 
ATOM   57  N N4    . C   A 1 3  ? 8.809   0.894   0.277   1.00 75.02 ? 3  C   A N4    1 
ATOM   58  C C5    . C   A 1 3  ? 8.765   1.447   -2.052  1.00 76.08 ? 3  C   A C5    1 
ATOM   59  C C6    . C   A 1 3  ? 9.018   1.031   -3.302  1.00 76.54 ? 3  C   A C6    1 
ATOM   60  P P     . U   A 1 4  ? 5.659   -1.666  -7.188  1.00 80.77 ? 4  U   A P     1 
ATOM   61  O OP1   . U   A 1 4  ? 5.084   -1.867  -8.542  1.00 82.51 ? 4  U   A OP1   1 
ATOM   62  O OP2   . U   A 1 4  ? 5.054   -0.659  -6.283  1.00 81.65 ? 4  U   A OP2   1 
ATOM   63  O "O5'" . U   A 1 4  ? 5.699   -3.047  -6.395  1.00 81.45 ? 4  U   A "O5'" 1 
ATOM   64  C "C5'" . U   A 1 4  ? 6.368   -4.197  -6.917  1.00 81.60 ? 4  U   A "C5'" 1 
ATOM   65  C "C4'" . U   A 1 4  ? 6.593   -5.198  -5.807  1.00 82.26 ? 4  U   A "C4'" 1 
ATOM   66  O "O4'" . U   A 1 4  ? 7.370   -4.546  -4.778  1.00 81.99 ? 4  U   A "O4'" 1 
ATOM   67  C "C3'" . U   A 1 4  ? 5.330   -5.663  -5.090  1.00 83.05 ? 4  U   A "C3'" 1 
ATOM   68  O "O3'" . U   A 1 4  ? 4.805   -6.835  -5.697  1.00 85.62 ? 4  U   A "O3'" 1 
ATOM   69  C "C2'" . U   A 1 4  ? 5.827   -6.020  -3.695  1.00 82.68 ? 4  U   A "C2'" 1 
ATOM   70  O "O2'" . U   A 1 4  ? 6.277   -7.355  -3.597  1.00 83.20 ? 4  U   A "O2'" 1 
ATOM   71  C "C1'" . U   A 1 4  ? 7.007   -5.064  -3.517  1.00 81.62 ? 4  U   A "C1'" 1 
ATOM   72  N N1    . U   A 1 4  ? 6.762   -3.949  -2.596  1.00 80.29 ? 4  U   A N1    1 
ATOM   73  C C2    . U   A 1 4  ? 6.913   -4.206  -1.253  1.00 78.90 ? 4  U   A C2    1 
ATOM   74  O O2    . U   A 1 4  ? 7.181   -5.313  -0.825  1.00 77.52 ? 4  U   A O2    1 
ATOM   75  N N3    . U   A 1 4  ? 6.738   -3.121  -0.431  1.00 78.08 ? 4  U   A N3    1 
ATOM   76  C C4    . U   A 1 4  ? 6.427   -1.836  -0.813  1.00 78.03 ? 4  U   A C4    1 
ATOM   77  O O4    . U   A 1 4  ? 6.400   -0.950  0.036   1.00 77.81 ? 4  U   A O4    1 
ATOM   78  C C5    . U   A 1 4  ? 6.254   -1.656  -2.224  1.00 78.81 ? 4  U   A C5    1 
ATOM   79  C C6    . U   A 1 4  ? 6.420   -2.695  -3.048  1.00 79.75 ? 4  U   A C6    1 
ATOM   80  P P     . A   A 1 5  ? 3.741   -6.704  -6.885  1.00 87.39 ? 5  A   A P     1 
ATOM   81  O OP1   . A   A 1 5  ? 4.504   -6.285  -8.084  1.00 86.21 ? 5  A   A OP1   1 
ATOM   82  O OP2   . A   A 1 5  ? 2.603   -5.869  -6.408  1.00 87.32 ? 5  A   A OP2   1 
ATOM   83  O "O5'" . A   A 1 5  ? 3.236   -8.201  -7.103  1.00 85.59 ? 5  A   A "O5'" 1 
ATOM   84  C "C5'" . A   A 1 5  ? 2.161   -8.712  -6.327  1.00 82.00 ? 5  A   A "C5'" 1 
ATOM   85  C "C4'" . A   A 1 5  ? 2.484   -10.083 -5.772  1.00 79.68 ? 5  A   A "C4'" 1 
ATOM   86  O "O4'" . A   A 1 5  ? 2.101   -11.108 -6.714  1.00 77.66 ? 5  A   A "O4'" 1 
ATOM   87  C "C3'" . A   A 1 5  ? 3.966   -10.300 -5.502  1.00 79.19 ? 5  A   A "C3'" 1 
ATOM   88  O "O3'" . A   A 1 5  ? 4.188   -10.838 -4.201  1.00 81.88 ? 5  A   A "O3'" 1 
ATOM   89  C "C2'" . A   A 1 5  ? 4.513   -11.093 -6.693  1.00 77.66 ? 5  A   A "C2'" 1 
ATOM   90  O "O2'" . A   A 1 5  ? 5.343   -12.166 -6.265  1.00 78.26 ? 5  A   A "O2'" 1 
ATOM   91  C "C1'" . A   A 1 5  ? 3.246   -11.758 -7.216  1.00 75.37 ? 5  A   A "C1'" 1 
ATOM   92  N N9    . A   A 1 5  ? 3.068   -11.995 -8.643  1.00 71.30 ? 5  A   A N9    1 
ATOM   93  C C8    . A   A 1 5  ? 3.178   -11.168 -9.730  1.00 70.55 ? 5  A   A C8    1 
ATOM   94  N N7    . A   A 1 5  ? 2.820   -11.737 -10.858 1.00 69.57 ? 5  A   A N7    1 
ATOM   95  C C5    . A   A 1 5  ? 2.490   -13.036 -10.483 1.00 69.06 ? 5  A   A C5    1 
ATOM   96  C C6    . A   A 1 5  ? 2.032   -14.156 -11.207 1.00 66.87 ? 5  A   A C6    1 
ATOM   97  N N6    . A   A 1 5  ? 1.832   -14.154 -12.523 1.00 65.93 ? 5  A   A N6    1 
ATOM   98  N N1    . A   A 1 5  ? 1.787   -15.293 -10.517 1.00 67.07 ? 5  A   A N1    1 
ATOM   99  C C2    . A   A 1 5  ? 2.010   -15.299 -9.196  1.00 67.11 ? 5  A   A C2    1 
ATOM   100 N N3    . A   A 1 5  ? 2.450   -14.324 -8.415  1.00 67.63 ? 5  A   A N3    1 
ATOM   101 C C4    . A   A 1 5  ? 2.663   -13.207 -9.127  1.00 69.25 ? 5  A   A C4    1 
ATOM   102 P P     . A   A 1 6  ? 5.672   -10.902 -3.584  1.00 83.52 ? 6  A   A P     1 
ATOM   103 O OP1   . A   A 1 6  ? 6.539   -9.942  -4.309  1.00 84.77 ? 6  A   A OP1   1 
ATOM   104 O OP2   . A   A 1 6  ? 6.063   -12.336 -3.490  1.00 84.46 ? 6  A   A OP2   1 
ATOM   105 O "O5'" . A   A 1 6  ? 5.461   -10.375 -2.103  1.00 82.46 ? 6  A   A "O5'" 1 
ATOM   106 C "C5'" . A   A 1 6  ? 4.194   -9.849  -1.727  1.00 78.98 ? 6  A   A "C5'" 1 
ATOM   107 C "C4'" . A   A 1 6  ? 3.975   -10.018 -0.255  1.00 76.50 ? 6  A   A "C4'" 1 
ATOM   108 O "O4'" . A   A 1 6  ? 4.853   -9.114  0.462   1.00 75.57 ? 6  A   A "O4'" 1 
ATOM   109 C "C3'" . A   A 1 6  ? 2.591   -9.640  0.221   1.00 75.33 ? 6  A   A "C3'" 1 
ATOM   110 O "O3'" . A   A 1 6  ? 1.713   -10.729 0.024   1.00 74.96 ? 6  A   A "O3'" 1 
ATOM   111 C "C2'" . A   A 1 6  ? 2.851   -9.332  1.686   1.00 74.78 ? 6  A   A "C2'" 1 
ATOM   112 O "O2'" . A   A 1 6  ? 3.053   -10.500 2.459   1.00 73.22 ? 6  A   A "O2'" 1 
ATOM   113 C "C1'" . A   A 1 6  ? 4.170   -8.566  1.573   1.00 74.15 ? 6  A   A "C1'" 1 
ATOM   114 N N9    . A   A 1 6  ? 4.001   -7.132  1.330   1.00 71.94 ? 6  A   A N9    1 
ATOM   115 C C8    . A   A 1 6  ? 3.852   -6.467  0.134   1.00 69.57 ? 6  A   A C8    1 
ATOM   116 N N7    . A   A 1 6  ? 3.770   -5.164  0.258   1.00 68.48 ? 6  A   A N7    1 
ATOM   117 C C5    . A   A 1 6  ? 3.859   -4.957  1.632   1.00 68.83 ? 6  A   A C5    1 
ATOM   118 C C6    . A   A 1 6  ? 3.848   -3.787  2.427   1.00 67.10 ? 6  A   A C6    1 
ATOM   119 N N6    . A   A 1 6  ? 3.730   -2.551  1.941   1.00 65.67 ? 6  A   A N6    1 
ATOM   120 N N1    . A   A 1 6  ? 3.967   -3.940  3.761   1.00 66.39 ? 6  A   A N1    1 
ATOM   121 C C2    . A   A 1 6  ? 4.085   -5.177  4.259   1.00 68.19 ? 6  A   A C2    1 
ATOM   122 N N3    . A   A 1 6  ? 4.106   -6.346  3.624   1.00 68.98 ? 6  A   A N3    1 
ATOM   123 C C4    . A   A 1 6  ? 3.989   -6.162  2.297   1.00 69.56 ? 6  A   A C4    1 
ATOM   124 P P     . C   A 1 7  ? 0.144   -10.512 0.221   1.00 74.83 ? 7  C   A P     1 
ATOM   125 O OP1   . C   A 1 7  ? -0.623  -11.606 -0.423  1.00 76.79 ? 7  C   A OP1   1 
ATOM   126 O OP2   . C   A 1 7  ? -0.119  -9.105  -0.165  1.00 75.04 ? 7  C   A OP2   1 
ATOM   127 O "O5'" . C   A 1 7  ? -0.020  -10.691 1.791   1.00 73.85 ? 7  C   A "O5'" 1 
ATOM   128 C "C5'" . C   A 1 7  ? -1.138  -10.158 2.457   1.00 70.01 ? 7  C   A "C5'" 1 
ATOM   129 C "C4'" . C   A 1 7  ? -0.840  -9.997  3.922   1.00 67.17 ? 7  C   A "C4'" 1 
ATOM   130 O "O4'" . C   A 1 7  ? 0.424   -9.309  4.104   1.00 65.51 ? 7  C   A "O4'" 1 
ATOM   131 C "C3'" . C   A 1 7  ? -1.856  -9.104  4.593   1.00 65.80 ? 7  C   A "C3'" 1 
ATOM   132 O "O3'" . C   A 1 7  ? -2.997  -9.852  4.930   1.00 66.37 ? 7  C   A "O3'" 1 
ATOM   133 C "C2'" . C   A 1 7  ? -1.073  -8.538  5.753   1.00 62.83 ? 7  C   A "C2'" 1 
ATOM   134 O "O2'" . C   A 1 7  ? -0.921  -9.494  6.780   1.00 62.58 ? 7  C   A "O2'" 1 
ATOM   135 C "C1'" . C   A 1 7  ? 0.267   -8.276  5.064   1.00 63.17 ? 7  C   A "C1'" 1 
ATOM   136 N N1    . C   A 1 7  ? 0.319   -6.999  4.336   1.00 60.65 ? 7  C   A N1    1 
ATOM   137 C C2    . C   A 1 7  ? 0.790   -5.869  4.996   1.00 58.35 ? 7  C   A C2    1 
ATOM   138 O O2    . C   A 1 7  ? 1.078   -5.960  6.193   1.00 58.81 ? 7  C   A O2    1 
ATOM   139 N N3    . C   A 1 7  ? 0.921   -4.712  4.317   1.00 56.02 ? 7  C   A N3    1 
ATOM   140 C C4    . C   A 1 7  ? 0.586   -4.652  3.028   1.00 55.99 ? 7  C   A C4    1 
ATOM   141 N N4    . C   A 1 7  ? 0.776   -3.499  2.386   1.00 50.77 ? 7  C   A N4    1 
ATOM   142 C C5    . C   A 1 7  ? 0.055   -5.776  2.337   1.00 56.36 ? 7  C   A C5    1 
ATOM   143 C C6    . C   A 1 7  ? -0.060  -6.923  3.024   1.00 58.48 ? 7  C   A C6    1 
ATOM   144 P P     . G   A 1 8  ? -4.375  -9.501  4.202   1.00 68.59 ? 8  G   A P     1 
ATOM   145 O OP1   . G   A 1 8  ? -5.308  -10.633 4.443   1.00 70.19 ? 8  G   A OP1   1 
ATOM   146 O OP2   . G   A 1 8  ? -4.028  -9.106  2.807   1.00 68.25 ? 8  G   A OP2   1 
ATOM   147 O "O5'" . G   A 1 8  ? -4.878  -8.176  4.961   1.00 64.31 ? 8  G   A "O5'" 1 
ATOM   148 C "C5'" . G   A 1 8  ? -5.078  -8.202  6.368   1.00 58.49 ? 8  G   A "C5'" 1 
ATOM   149 C "C4'" . G   A 1 8  ? -4.725  -6.875  7.014   1.00 56.27 ? 8  G   A "C4'" 1 
ATOM   150 O "O4'" . G   A 1 8  ? -3.433  -6.381  6.572   1.00 54.24 ? 8  G   A "O4'" 1 
ATOM   151 C "C3'" . G   A 1 8  ? -5.614  -5.661  6.799   1.00 52.83 ? 8  G   A "C3'" 1 
ATOM   152 O "O3'" . G   A 1 8  ? -6.801  -5.779  7.563   1.00 53.42 ? 8  G   A "O3'" 1 
ATOM   153 C "C2'" . G   A 1 8  ? -4.731  -4.590  7.414   1.00 52.98 ? 8  G   A "C2'" 1 
ATOM   154 O "O2'" . G   A 1 8  ? -4.712  -4.750  8.821   1.00 51.39 ? 8  G   A "O2'" 1 
ATOM   155 C "C1'" . G   A 1 8  ? -3.363  -4.987  6.846   1.00 51.85 ? 8  G   A "C1'" 1 
ATOM   156 N N9    . G   A 1 8  ? -3.102  -4.279  5.602   1.00 50.64 ? 8  G   A N9    1 
ATOM   157 C C8    . G   A 1 8  ? -3.013  -4.813  4.344   1.00 50.15 ? 8  G   A C8    1 
ATOM   158 N N7    . G   A 1 8  ? -2.779  -3.916  3.424   1.00 50.75 ? 8  G   A N7    1 
ATOM   159 C C5    . G   A 1 8  ? -2.708  -2.718  4.117   1.00 50.09 ? 8  G   A C5    1 
ATOM   160 C C6    . G   A 1 8  ? -2.480  -1.408  3.655   1.00 48.57 ? 8  G   A C6    1 
ATOM   161 O O6    . G   A 1 8  ? -2.294  -1.019  2.499   1.00 48.64 ? 8  G   A O6    1 
ATOM   162 N N1    . G   A 1 8  ? -2.487  -0.486  4.701   1.00 49.73 ? 8  G   A N1    1 
ATOM   163 C C2    . G   A 1 8  ? -2.691  -0.789  6.018   1.00 48.10 ? 8  G   A C2    1 
ATOM   164 N N2    . G   A 1 8  ? -2.620  0.242   6.866   1.00 48.39 ? 8  G   A N2    1 
ATOM   165 N N3    . G   A 1 8  ? -2.925  -2.008  6.466   1.00 48.22 ? 8  G   A N3    1 
ATOM   166 C C4    . G   A 1 8  ? -2.910  -2.922  5.465   1.00 49.29 ? 8  G   A C4    1 
ATOM   167 P P     . U   A 1 9  ? -8.175  -5.168  7.004   1.00 52.95 ? 9  U   A P     1 
ATOM   168 O OP1   . U   A 1 9  ? -9.231  -5.909  7.715   1.00 53.80 ? 9  U   A OP1   1 
ATOM   169 O OP2   . U   A 1 9  ? -8.180  -5.138  5.528   1.00 52.80 ? 9  U   A OP2   1 
ATOM   170 O "O5'" . U   A 1 9  ? -8.120  -3.636  7.461   1.00 51.72 ? 9  U   A "O5'" 1 
ATOM   171 C "C5'" . U   A 1 9  ? -7.782  -3.274  8.801   1.00 49.31 ? 9  U   A "C5'" 1 
ATOM   172 C "C4'" . U   A 1 9  ? -7.625  -1.769  8.927   1.00 49.52 ? 9  U   A "C4'" 1 
ATOM   173 O "O4'" . U   A 1 9  ? -6.335  -1.338  8.421   1.00 48.65 ? 9  U   A "O4'" 1 
ATOM   174 C "C3'" . U   A 1 9  ? -8.617  -0.899  8.170   1.00 49.99 ? 9  U   A "C3'" 1 
ATOM   175 O "O3'" . U   A 1 9  ? -9.856  -0.823  8.844   1.00 54.24 ? 9  U   A "O3'" 1 
ATOM   176 C "C2'" . U   A 1 9  ? -7.882  0.431   8.160   1.00 49.10 ? 9  U   A "C2'" 1 
ATOM   177 O "O2'" . U   A 1 9  ? -7.876  1.060   9.428   1.00 50.40 ? 9  U   A "O2'" 1 
ATOM   178 C "C1'" . U   A 1 9  ? -6.456  -0.037  7.862   1.00 48.29 ? 9  U   A "C1'" 1 
ATOM   179 N N1    . U   A 1 9  ? -6.217  -0.127  6.419   1.00 45.73 ? 9  U   A N1    1 
ATOM   180 C C2    . U   A 1 9  ? -5.897  1.033   5.763   1.00 46.09 ? 9  U   A C2    1 
ATOM   181 O O2    . U   A 1 9  ? -5.800  2.103   6.327   1.00 46.79 ? 9  U   A O2    1 
ATOM   182 N N3    . U   A 1 9  ? -5.681  0.905   4.414   1.00 46.63 ? 9  U   A N3    1 
ATOM   183 C C4    . U   A 1 9  ? -5.748  -0.249  3.673   1.00 47.83 ? 9  U   A C4    1 
ATOM   184 O O4    . U   A 1 9  ? -5.464  -0.202  2.473   1.00 46.39 ? 9  U   A O4    1 
ATOM   185 C C5    . U   A 1 9  ? -6.103  -1.420  4.419   1.00 48.60 ? 9  U   A C5    1 
ATOM   186 C C6    . U   A 1 9  ? -6.316  -1.324  5.741   1.00 45.15 ? 9  U   A C6    1 
ATOM   187 P P     . A   A 1 10 ? -11.215 -0.678  8.002   1.00 58.36 ? 10 A   A P     1 
ATOM   188 O OP1   . A   A 1 10 ? -12.291 -0.790  9.014   1.00 60.38 ? 10 A   A OP1   1 
ATOM   189 O OP2   . A   A 1 10 ? -11.207 -1.618  6.853   1.00 61.92 ? 10 A   A OP2   1 
ATOM   190 O "O5'" . A   A 1 10 ? -11.153 0.798   7.415   1.00 58.09 ? 10 A   A "O5'" 1 
ATOM   191 C "C5'" . A   A 1 10 ? -11.031 1.912   8.290   1.00 57.41 ? 10 A   A "C5'" 1 
ATOM   192 C "C4'" . A   A 1 10 ? -10.746 3.177   7.517   1.00 57.36 ? 10 A   A "C4'" 1 
ATOM   193 O "O4'" . A   A 1 10 ? -9.401  3.144   6.975   1.00 55.72 ? 10 A   A "O4'" 1 
ATOM   194 C "C3'" . A   A 1 10 ? -11.611 3.466   6.307   1.00 58.46 ? 10 A   A "C3'" 1 
ATOM   195 O "O3'" . A   A 1 10 ? -12.864 4.015   6.682   1.00 61.15 ? 10 A   A "O3'" 1 
ATOM   196 C "C2'" . A   A 1 10 ? -10.754 4.487   5.576   1.00 55.98 ? 10 A   A "C2'" 1 
ATOM   197 O "O2'" . A   A 1 10 ? -10.794 5.771   6.158   1.00 57.01 ? 10 A   A "O2'" 1 
ATOM   198 C "C1'" . A   A 1 10 ? -9.356  3.895   5.770   1.00 54.29 ? 10 A   A "C1'" 1 
ATOM   199 N N9    . A   A 1 10 ? -9.040  2.981   4.674   1.00 51.58 ? 10 A   A N9    1 
ATOM   200 C C8    . A   A 1 10 ? -9.181  1.614   4.670   1.00 50.54 ? 10 A   A C8    1 
ATOM   201 N N7    . A   A 1 10 ? -8.884  1.061   3.522   1.00 48.91 ? 10 A   A N7    1 
ATOM   202 C C5    . A   A 1 10 ? -8.509  2.130   2.722   1.00 47.43 ? 10 A   A C5    1 
ATOM   203 C C6    . A   A 1 10 ? -8.081  2.197   1.387   1.00 47.11 ? 10 A   A C6    1 
ATOM   204 N N6    . A   A 1 10 ? -7.948  1.119   0.608   1.00 44.72 ? 10 A   A N6    1 
ATOM   205 N N1    . A   A 1 10 ? -7.787  3.413   0.876   1.00 44.74 ? 10 A   A N1    1 
ATOM   206 C C2    . A   A 1 10 ? -7.899  4.484   1.679   1.00 46.41 ? 10 A   A C2    1 
ATOM   207 N N3    . A   A 1 10 ? -8.281  4.542   2.959   1.00 47.37 ? 10 A   A N3    1 
ATOM   208 C C4    . A   A 1 10 ? -8.584  3.317   3.421   1.00 47.61 ? 10 A   A C4    1 
ATOM   209 P P     . G   A 1 11 ? -14.192 3.609   5.874   1.00 64.70 ? 11 G   A P     1 
ATOM   210 O OP1   . G   A 1 11 ? -15.338 4.101   6.674   1.00 69.07 ? 11 G   A OP1   1 
ATOM   211 O OP2   . G   A 1 11 ? -14.131 2.173   5.500   1.00 67.38 ? 11 G   A OP2   1 
ATOM   212 O "O5'" . G   A 1 11 ? -14.149 4.487   4.553   1.00 63.84 ? 11 G   A "O5'" 1 
ATOM   213 C "C5'" . G   A 1 11 ? -14.250 5.892   4.637   1.00 63.59 ? 11 G   A "C5'" 1 
ATOM   214 C "C4'" . G   A 1 11 ? -13.636 6.537   3.424   1.00 62.83 ? 11 G   A "C4'" 1 
ATOM   215 O "O4'" . G   A 1 11 ? -12.270 6.058   3.261   1.00 61.79 ? 11 G   A "O4'" 1 
ATOM   216 C "C3'" . G   A 1 11 ? -14.277 6.226   2.085   1.00 62.70 ? 11 G   A "C3'" 1 
ATOM   217 O "O3'" . G   A 1 11 ? -15.438 7.023   1.879   1.00 64.32 ? 11 G   A "O3'" 1 
ATOM   218 C "C2'" . G   A 1 11 ? -13.150 6.613   1.138   1.00 61.01 ? 11 G   A "C2'" 1 
ATOM   219 O "O2'" . G   A 1 11 ? -12.984 8.004   1.009   1.00 61.27 ? 11 G   A "O2'" 1 
ATOM   220 C "C1'" . G   A 1 11 ? -11.936 6.058   1.881   1.00 59.09 ? 11 G   A "C1'" 1 
ATOM   221 N N9    . G   A 1 11 ? -11.665 4.686   1.457   1.00 55.99 ? 11 G   A N9    1 
ATOM   222 C C8    . G   A 1 11 ? -11.910 3.518   2.139   1.00 54.21 ? 11 G   A C8    1 
ATOM   223 N N7    . G   A 1 11 ? -11.595 2.452   1.456   1.00 52.04 ? 11 G   A N7    1 
ATOM   224 C C5    . G   A 1 11 ? -11.094 2.953   0.261   1.00 51.66 ? 11 G   A C5    1 
ATOM   225 C C6    . G   A 1 11 ? -10.570 2.276   -0.878  1.00 51.79 ? 11 G   A C6    1 
ATOM   226 O O6    . G   A 1 11 ? -10.435 1.060   -1.051  1.00 52.06 ? 11 G   A O6    1 
ATOM   227 N N1    . G   A 1 11 ? -10.185 3.168   -1.870  1.00 50.41 ? 11 G   A N1    1 
ATOM   228 C C2    . G   A 1 11 ? -10.272 4.534   -1.781  1.00 53.12 ? 11 G   A C2    1 
ATOM   229 N N2    . G   A 1 11 ? -9.870  5.227   -2.850  1.00 52.92 ? 11 G   A N2    1 
ATOM   230 N N3    . G   A 1 11 ? -10.731 5.176   -0.720  1.00 53.01 ? 11 G   A N3    1 
ATOM   231 C C4    . G   A 1 11 ? -11.129 4.327   0.252   1.00 53.61 ? 11 G   A C4    1 
ATOM   232 P P     . U   A 1 12 ? -16.691 6.429   1.063   1.00 66.39 ? 12 U   A P     1 
ATOM   233 O OP1   . U   A 1 12 ? -17.784 7.425   1.192   1.00 69.80 ? 12 U   A OP1   1 
ATOM   234 O OP2   . U   A 1 12 ? -16.935 5.025   1.468   1.00 66.24 ? 12 U   A OP2   1 
ATOM   235 O "O5'" . U   A 1 12 ? -16.226 6.470   -0.456  1.00 66.67 ? 12 U   A "O5'" 1 
ATOM   236 C "C5'" . U   A 1 12 ? -15.930 7.709   -1.084  1.00 65.75 ? 12 U   A "C5'" 1 
ATOM   237 C "C4'" . U   A 1 12 ? -15.250 7.478   -2.410  1.00 65.91 ? 12 U   A "C4'" 1 
ATOM   238 O "O4'" . U   A 1 12 ? -13.987 6.783   -2.200  1.00 65.23 ? 12 U   A "O4'" 1 
ATOM   239 C "C3'" . U   A 1 12 ? -15.974 6.580   -3.400  1.00 66.62 ? 12 U   A "C3'" 1 
ATOM   240 O "O3'" . U   A 1 12 ? -16.976 7.288   -4.113  1.00 70.59 ? 12 U   A "O3'" 1 
ATOM   241 C "C2'" . U   A 1 12 ? -14.834 6.200   -4.327  1.00 64.90 ? 12 U   A "C2'" 1 
ATOM   242 O "O2'" . U   A 1 12 ? -14.468 7.287   -5.149  1.00 64.24 ? 12 U   A "O2'" 1 
ATOM   243 C "C1'" . U   A 1 12 ? -13.717 5.952   -3.318  1.00 63.19 ? 12 U   A "C1'" 1 
ATOM   244 N N1    . U   A 1 12 ? -13.698 4.553   -2.871  1.00 60.58 ? 12 U   A N1    1 
ATOM   245 C C2    . U   A 1 12 ? -13.133 3.615   -3.731  1.00 58.15 ? 12 U   A C2    1 
ATOM   246 O O2    . U   A 1 12 ? -12.655 3.913   -4.813  1.00 58.06 ? 12 U   A O2    1 
ATOM   247 N N3    . U   A 1 12 ? -13.150 2.325   -3.273  1.00 55.26 ? 12 U   A N3    1 
ATOM   248 C C4    . U   A 1 12 ? -13.651 1.877   -2.076  1.00 55.10 ? 12 U   A C4    1 
ATOM   249 O O4    . U   A 1 12 ? -13.554 0.685   -1.794  1.00 54.35 ? 12 U   A O4    1 
ATOM   250 C C5    . U   A 1 12 ? -14.221 2.906   -1.236  1.00 56.07 ? 12 U   A C5    1 
ATOM   251 C C6    . U   A 1 12 ? -14.222 4.177   -1.655  1.00 57.92 ? 12 U   A C6    1 
ATOM   252 P P     . A   A 1 13 ? -18.250 6.496   -4.688  1.00 72.55 ? 13 A   A P     1 
ATOM   253 O OP1   . A   A 1 13 ? -19.210 7.493   -5.224  1.00 73.29 ? 13 A   A OP1   1 
ATOM   254 O OP2   . A   A 1 13 ? -18.696 5.524   -3.653  1.00 71.92 ? 13 A   A OP2   1 
ATOM   255 O "O5'" . A   A 1 13 ? -17.667 5.690   -5.931  1.00 71.53 ? 13 A   A "O5'" 1 
ATOM   256 C "C5'" . A   A 1 13 ? -17.168 6.383   -7.074  1.00 70.39 ? 13 A   A "C5'" 1 
ATOM   257 C "C4'" . A   A 1 13 ? -16.653 5.397   -8.097  1.00 70.57 ? 13 A   A "C4'" 1 
ATOM   258 O "O4'" . A   A 1 13 ? -15.480 4.708   -7.578  1.00 69.26 ? 13 A   A "O4'" 1 
ATOM   259 C "C3'" . A   A 1 13 ? -17.608 4.267   -8.444  1.00 70.16 ? 13 A   A "C3'" 1 
ATOM   260 O "O3'" . A   A 1 13 ? -18.678 4.677   -9.310  1.00 71.92 ? 13 A   A "O3'" 1 
ATOM   261 C "C2'" . A   A 1 13 ? -16.658 3.223   -9.012  1.00 69.30 ? 13 A   A "C2'" 1 
ATOM   262 O "O2'" . A   A 1 13 ? -16.264 3.534   -10.335 1.00 70.03 ? 13 A   A "O2'" 1 
ATOM   263 C "C1'" . A   A 1 13 ? -15.457 3.377   -8.073  1.00 67.61 ? 13 A   A "C1'" 1 
ATOM   264 N N9    . A   A 1 13 ? -15.506 2.473   -6.929  1.00 64.29 ? 13 A   A N9    1 
ATOM   265 C C8    . A   A 1 13 ? -15.982 2.746   -5.669  1.00 63.12 ? 13 A   A C8    1 
ATOM   266 N N7    . A   A 1 13 ? -15.893 1.736   -4.839  1.00 61.31 ? 13 A   A N7    1 
ATOM   267 C C5    . A   A 1 13 ? -15.313 0.728   -5.600  1.00 60.39 ? 13 A   A C5    1 
ATOM   268 C C6    . A   A 1 13 ? -14.946 -0.595  -5.300  1.00 58.14 ? 13 A   A C6    1 
ATOM   269 N N6    . A   A 1 13 ? -15.102 -1.155  -4.098  1.00 55.80 ? 13 A   A N6    1 
ATOM   270 N N1    . A   A 1 13 ? -14.402 -1.336  -6.292  1.00 58.29 ? 13 A   A N1    1 
ATOM   271 C C2    . A   A 1 13 ? -14.235 -0.775  -7.493  1.00 58.21 ? 13 A   A C2    1 
ATOM   272 N N3    . A   A 1 13 ? -14.532 0.457   -7.897  1.00 60.49 ? 13 A   A N3    1 
ATOM   273 C C4    . A   A 1 13 ? -15.075 1.167   -6.892  1.00 61.90 ? 13 A   A C4    1 
ATOM   274 O "O5'" . U   B 1 1  ? -9.775  -8.703  -5.792  1.00 74.32 ? 1  U   B "O5'" 1 
ATOM   275 C "C5'" . U   B 1 1  ? -9.611  -9.150  -7.132  1.00 72.96 ? 1  U   B "C5'" 1 
ATOM   276 C "C4'" . U   B 1 1  ? -9.987  -8.114  -8.165  1.00 72.52 ? 1  U   B "C4'" 1 
ATOM   277 O "O4'" . U   B 1 1  ? -11.393 -7.778  -8.026  1.00 71.65 ? 1  U   B "O4'" 1 
ATOM   278 C "C3'" . U   B 1 1  ? -9.286  -6.773  -8.062  1.00 71.12 ? 1  U   B "C3'" 1 
ATOM   279 O "O3'" . U   B 1 1  ? -8.003  -6.798  -8.668  1.00 73.11 ? 1  U   B "O3'" 1 
ATOM   280 C "C2'" . U   B 1 1  ? -10.241 -5.875  -8.830  1.00 70.66 ? 1  U   B "C2'" 1 
ATOM   281 O "O2'" . U   B 1 1  ? -10.140 -6.039  -10.228 1.00 68.10 ? 1  U   B "O2'" 1 
ATOM   282 C "C1'" . U   B 1 1  ? -11.591 -6.411  -8.356  1.00 70.30 ? 1  U   B "C1'" 1 
ATOM   283 N N1    . U   B 1 1  ? -12.095 -5.715  -7.159  1.00 69.27 ? 1  U   B N1    1 
ATOM   284 C C2    . U   B 1 1  ? -12.590 -4.428  -7.316  1.00 68.51 ? 1  U   B C2    1 
ATOM   285 O O2    . U   B 1 1  ? -12.625 -3.854  -8.394  1.00 69.10 ? 1  U   B O2    1 
ATOM   286 N N3    . U   B 1 1  ? -13.042 -3.837  -6.160  1.00 67.67 ? 1  U   B N3    1 
ATOM   287 C C4    . U   B 1 1  ? -13.048 -4.388  -4.895  1.00 68.32 ? 1  U   B C4    1 
ATOM   288 O O4    . U   B 1 1  ? -13.475 -3.725  -3.947  1.00 68.78 ? 1  U   B O4    1 
ATOM   289 C C5    . U   B 1 1  ? -12.521 -5.719  -4.818  1.00 68.78 ? 1  U   B C5    1 
ATOM   290 C C6    . U   B 1 1  ? -12.075 -6.321  -5.924  1.00 68.41 ? 1  U   B C6    1 
ATOM   291 P P     . A   B 1 2  ? -6.818  -5.900  -8.059  1.00 73.53 ? 2  A   B P     1 
ATOM   292 O OP1   . A   B 1 2  ? -5.543  -6.278  -8.710  1.00 74.18 ? 2  A   B OP1   1 
ATOM   293 O OP2   . A   B 1 2  ? -6.928  -5.959  -6.576  1.00 74.25 ? 2  A   B OP2   1 
ATOM   294 O "O5'" . A   B 1 2  ? -7.165  -4.436  -8.562  1.00 70.85 ? 2  A   B "O5'" 1 
ATOM   295 C "C5'" . A   B 1 2  ? -7.246  -4.164  -9.946  1.00 70.21 ? 2  A   B "C5'" 1 
ATOM   296 C "C4'" . A   B 1 2  ? -7.781  -2.778  -10.161 1.00 69.55 ? 2  A   B "C4'" 1 
ATOM   297 O "O4'" . A   B 1 2  ? -9.165  -2.733  -9.729  1.00 70.23 ? 2  A   B "O4'" 1 
ATOM   298 C "C3'" . A   B 1 2  ? -7.095  -1.716  -9.328  1.00 69.27 ? 2  A   B "C3'" 1 
ATOM   299 O "O3'" . A   B 1 2  ? -5.905  -1.262  -9.951  1.00 67.22 ? 2  A   B "O3'" 1 
ATOM   300 C "C2'" . A   B 1 2  ? -8.166  -0.636  -9.257  1.00 68.96 ? 2  A   B "C2'" 1 
ATOM   301 O "O2'" . A   B 1 2  ? -8.268  0.117   -10.447 1.00 71.09 ? 2  A   B "O2'" 1 
ATOM   302 C "C1'" . A   B 1 2  ? -9.427  -1.485  -9.104  1.00 69.15 ? 2  A   B "C1'" 1 
ATOM   303 N N9    . A   B 1 2  ? -9.796  -1.738  -7.709  1.00 66.87 ? 2  A   B N9    1 
ATOM   304 C C8    . A   B 1 2  ? -9.576  -2.880  -6.978  1.00 65.58 ? 2  A   B C8    1 
ATOM   305 N N7    . A   B 1 2  ? -10.040 -2.823  -5.756  1.00 64.93 ? 2  A   B N7    1 
ATOM   306 C C5    . A   B 1 2  ? -10.604 -1.554  -5.673  1.00 64.20 ? 2  A   B C5    1 
ATOM   307 C C6    . A   B 1 2  ? -11.274 -0.879  -4.634  1.00 62.86 ? 2  A   B C6    1 
ATOM   308 N N6    . A   B 1 2  ? -11.507 -1.413  -3.433  1.00 61.37 ? 2  A   B N6    1 
ATOM   309 N N1    . A   B 1 2  ? -11.704 0.373   -4.876  1.00 61.64 ? 2  A   B N1    1 
ATOM   310 C C2    . A   B 1 2  ? -11.481 0.907   -6.081  1.00 61.51 ? 2  A   B C2    1 
ATOM   311 N N3    . A   B 1 2  ? -10.873 0.377   -7.138  1.00 63.10 ? 2  A   B N3    1 
ATOM   312 C C4    . A   B 1 2  ? -10.451 -0.872  -6.865  1.00 64.07 ? 2  A   B C4    1 
ATOM   313 P P     . C   B 1 3  ? -4.670  -0.800  -9.042  1.00 68.19 ? 3  C   B P     1 
ATOM   314 O OP1   . C   B 1 3  ? -3.444  -0.781  -9.883  1.00 70.01 ? 3  C   B OP1   1 
ATOM   315 O OP2   . C   B 1 3  ? -4.682  -1.614  -7.801  1.00 68.51 ? 3  C   B OP2   1 
ATOM   316 O "O5'" . C   B 1 3  ? -5.026  0.711   -8.683  1.00 64.76 ? 3  C   B "O5'" 1 
ATOM   317 C "C5'" . C   B 1 3  ? -5.303  1.652   -9.712  1.00 60.63 ? 3  C   B "C5'" 1 
ATOM   318 C "C4'" . C   B 1 3  ? -6.045  2.846   -9.154  1.00 59.06 ? 3  C   B "C4'" 1 
ATOM   319 O "O4'" . C   B 1 3  ? -7.347  2.427   -8.657  1.00 59.26 ? 3  C   B "O4'" 1 
ATOM   320 C "C3'" . C   B 1 3  ? -5.406  3.540   -7.960  1.00 57.54 ? 3  C   B "C3'" 1 
ATOM   321 O "O3'" . C   B 1 3  ? -4.443  4.484   -8.396  1.00 55.41 ? 3  C   B "O3'" 1 
ATOM   322 C "C2'" . C   B 1 3  ? -6.600  4.256   -7.358  1.00 56.77 ? 3  C   B "C2'" 1 
ATOM   323 O "O2'" . C   B 1 3  ? -6.928  5.390   -8.138  1.00 56.12 ? 3  C   B "O2'" 1 
ATOM   324 C "C1'" . C   B 1 3  ? -7.690  3.197   -7.517  1.00 56.62 ? 3  C   B "C1'" 1 
ATOM   325 N N1    . C   B 1 3  ? -7.795  2.285   -6.369  1.00 55.52 ? 3  C   B N1    1 
ATOM   326 C C2    . C   B 1 3  ? -8.435  2.733   -5.194  1.00 54.07 ? 3  C   B C2    1 
ATOM   327 O O2    . C   B 1 3  ? -8.854  3.898   -5.144  1.00 53.07 ? 3  C   B O2    1 
ATOM   328 N N3    . C   B 1 3  ? -8.568  1.886   -4.153  1.00 52.44 ? 3  C   B N3    1 
ATOM   329 C C4    . C   B 1 3  ? -8.083  0.647   -4.236  1.00 53.71 ? 3  C   B C4    1 
ATOM   330 N N4    . C   B 1 3  ? -8.248  -0.161  -3.187  1.00 52.53 ? 3  C   B N4    1 
ATOM   331 C C5    . C   B 1 3  ? -7.405  0.175   -5.407  1.00 54.27 ? 3  C   B C5    1 
ATOM   332 C C6    . C   B 1 3  ? -7.288  1.019   -6.437  1.00 54.85 ? 3  C   B C6    1 
ATOM   333 P P     . U   B 1 4  ? -3.074  4.654   -7.581  1.00 56.58 ? 4  U   B P     1 
ATOM   334 O OP1   . U   B 1 4  ? -2.121  5.360   -8.470  1.00 58.49 ? 4  U   B OP1   1 
ATOM   335 O OP2   . U   B 1 4  ? -2.695  3.355   -6.968  1.00 55.95 ? 4  U   B OP2   1 
ATOM   336 O "O5'" . U   B 1 4  ? -3.442  5.656   -6.399  1.00 55.51 ? 4  U   B "O5'" 1 
ATOM   337 C "C5'" . U   B 1 4  ? -3.896  6.982   -6.676  1.00 51.90 ? 4  U   B "C5'" 1 
ATOM   338 C "C4'" . U   B 1 4  ? -4.424  7.606   -5.414  1.00 51.58 ? 4  U   B "C4'" 1 
ATOM   339 O "O4'" . U   B 1 4  ? -5.630  6.912   -5.001  1.00 52.07 ? 4  U   B "O4'" 1 
ATOM   340 C "C3'" . U   B 1 4  ? -3.512  7.439   -4.215  1.00 51.71 ? 4  U   B "C3'" 1 
ATOM   341 O "O3'" . U   B 1 4  ? -2.545  8.461   -4.205  1.00 52.62 ? 4  U   B "O3'" 1 
ATOM   342 C "C2'" . U   B 1 4  ? -4.470  7.637   -3.057  1.00 51.97 ? 4  U   B "C2'" 1 
ATOM   343 O "O2'" . U   B 1 4  ? -4.712  9.021   -2.845  1.00 55.10 ? 4  U   B "O2'" 1 
ATOM   344 C "C1'" . U   B 1 4  ? -5.723  6.941   -3.588  1.00 50.41 ? 4  U   B "C1'" 1 
ATOM   345 N N1    . U   B 1 4  ? -5.853  5.563   -3.105  1.00 48.96 ? 4  U   B N1    1 
ATOM   346 C C2    . U   B 1 4  ? -6.356  5.384   -1.830  1.00 46.70 ? 4  U   B C2    1 
ATOM   347 O O2    . U   B 1 4  ? -6.679  6.309   -1.114  1.00 45.51 ? 4  U   B O2    1 
ATOM   348 N N3    . U   B 1 4  ? -6.458  4.083   -1.425  1.00 45.64 ? 4  U   B N3    1 
ATOM   349 C C4    . U   B 1 4  ? -6.112  2.957   -2.147  1.00 45.06 ? 4  U   B C4    1 
ATOM   350 O O4    . U   B 1 4  ? -6.279  1.844   -1.645  1.00 43.91 ? 4  U   B O4    1 
ATOM   351 C C5    . U   B 1 4  ? -5.597  3.220   -3.451  1.00 44.85 ? 4  U   B C5    1 
ATOM   352 C C6    . U   B 1 4  ? -5.486  4.482   -3.879  1.00 48.17 ? 4  U   B C6    1 
ATOM   353 P P     . A   B 1 5  ? -1.095  8.161   -3.622  1.00 51.49 ? 5  A   B P     1 
ATOM   354 O OP1   . A   B 1 5  ? -0.551  7.143   -4.550  1.00 56.04 ? 5  A   B OP1   1 
ATOM   355 O OP2   . A   B 1 5  ? -1.145  7.866   -2.168  1.00 52.03 ? 5  A   B OP2   1 
ATOM   356 O "O5'" . A   B 1 5  ? -0.332  9.518   -3.919  1.00 54.44 ? 5  A   B "O5'" 1 
ATOM   357 C "C5'" . A   B 1 5  ? 0.258   10.302  -2.901  1.00 51.70 ? 5  A   B "C5'" 1 
ATOM   358 C "C4'" . A   B 1 5  ? 0.203   11.751  -3.307  1.00 50.14 ? 5  A   B "C4'" 1 
ATOM   359 O "O4'" . A   B 1 5  ? 0.542   11.823  -4.710  1.00 48.69 ? 5  A   B "O4'" 1 
ATOM   360 C "C3'" . A   B 1 5  ? -1.188  12.375  -3.259  1.00 50.28 ? 5  A   B "C3'" 1 
ATOM   361 O "O3'" . A   B 1 5  ? -1.385  12.961  -1.983  1.00 50.00 ? 5  A   B "O3'" 1 
ATOM   362 C "C2'" . A   B 1 5  ? -1.085  13.505  -4.261  1.00 47.77 ? 5  A   B "C2'" 1 
ATOM   363 O "O2'" . A   B 1 5  ? -0.510  14.615  -3.608  1.00 47.82 ? 5  A   B "O2'" 1 
ATOM   364 C "C1'" . A   B 1 5  ? -0.137  12.906  -5.312  1.00 47.45 ? 5  A   B "C1'" 1 
ATOM   365 N N9    . A   B 1 5  ? -0.812  12.419  -6.515  1.00 46.86 ? 5  A   B N9    1 
ATOM   366 C C8    . A   B 1 5  ? -1.426  11.207  -6.735  1.00 44.14 ? 5  A   B C8    1 
ATOM   367 N N7    . A   B 1 5  ? -1.959  11.097  -7.926  1.00 43.60 ? 5  A   B N7    1 
ATOM   368 C C5    . A   B 1 5  ? -1.659  12.307  -8.540  1.00 44.88 ? 5  A   B C5    1 
ATOM   369 C C6    . A   B 1 5  ? -1.929  12.813  -9.818  1.00 44.54 ? 5  A   B C6    1 
ATOM   370 N N6    . A   B 1 5  ? -2.589  12.145  -10.755 1.00 46.64 ? 5  A   B N6    1 
ATOM   371 N N1    . A   B 1 5  ? -1.494  14.059  -10.110 1.00 45.42 ? 5  A   B N1    1 
ATOM   372 C C2    . A   B 1 5  ? -0.834  14.740  -9.165  1.00 44.50 ? 5  A   B C2    1 
ATOM   373 N N3    . A   B 1 5  ? -0.523  14.372  -7.928  1.00 45.01 ? 5  A   B N3    1 
ATOM   374 C C4    . A   B 1 5  ? -0.964  13.131  -7.678  1.00 44.69 ? 5  A   B C4    1 
ATOM   375 P P     . A   B 1 6  ? -2.539  12.402  -1.028  1.00 50.68 ? 6  A   B P     1 
ATOM   376 O OP1   . A   B 1 6  ? -3.804  12.402  -1.798  1.00 47.93 ? 6  A   B OP1   1 
ATOM   377 O OP2   . A   B 1 6  ? -2.425  13.197  0.235   1.00 52.88 ? 6  A   B OP2   1 
ATOM   378 O "O5'" . A   B 1 6  ? -2.069  10.930  -0.650  1.00 53.47 ? 6  A   B "O5'" 1 
ATOM   379 C "C5'" . A   B 1 6  ? -3.003  9.900   -0.444  1.00 50.28 ? 6  A   B "C5'" 1 
ATOM   380 C "C4'" . A   B 1 6  ? -3.279  9.705   1.033   1.00 48.29 ? 6  A   B "C4'" 1 
ATOM   381 O "O4'" . A   B 1 6  ? -4.424  8.832   1.095   1.00 45.47 ? 6  A   B "O4'" 1 
ATOM   382 C "C3'" . A   B 1 6  ? -2.236  9.029   1.915   1.00 49.69 ? 6  A   B "C3'" 1 
ATOM   383 O "O3'" . A   B 1 6  ? -1.328  9.922   2.554   1.00 52.27 ? 6  A   B "O3'" 1 
ATOM   384 C "C2'" . A   B 1 6  ? -3.096  8.418   3.001   1.00 49.74 ? 6  A   B "C2'" 1 
ATOM   385 O "O2'" . A   B 1 6  ? -3.470  9.383   3.968   1.00 49.35 ? 6  A   B "O2'" 1 
ATOM   386 C "C1'" . A   B 1 6  ? -4.316  7.968   2.203   1.00 47.98 ? 6  A   B "C1'" 1 
ATOM   387 N N9    . A   B 1 6  ? -4.209  6.609   1.684   1.00 46.58 ? 6  A   B N9    1 
ATOM   388 C C8    . A   B 1 6  ? -3.794  6.245   0.423   1.00 46.27 ? 6  A   B C8    1 
ATOM   389 N N7    . A   B 1 6  ? -3.800  4.952   0.219   1.00 45.52 ? 6  A   B N7    1 
ATOM   390 C C5    . A   B 1 6  ? -4.244  4.427   1.420   1.00 44.04 ? 6  A   B C5    1 
ATOM   391 C C6    . A   B 1 6  ? -4.464  3.124   1.837   1.00 44.33 ? 6  A   B C6    1 
ATOM   392 N N6    . A   B 1 6  ? -4.226  2.054   1.074   1.00 43.92 ? 6  A   B N6    1 
ATOM   393 N N1    . A   B 1 6  ? -4.935  2.935   3.098   1.00 47.34 ? 6  A   B N1    1 
ATOM   394 C C2    . A   B 1 6  ? -5.134  4.012   3.870   1.00 45.23 ? 6  A   B C2    1 
ATOM   395 N N3    . A   B 1 6  ? -4.941  5.294   3.586   1.00 42.16 ? 6  A   B N3    1 
ATOM   396 C C4    . A   B 1 6  ? -4.499  5.437   2.333   1.00 44.85 ? 6  A   B C4    1 
ATOM   397 P P     . C   B 1 7  ? 0.049   9.356   3.167   1.00 53.57 ? 7  C   B P     1 
ATOM   398 O OP1   . C   B 1 7  ? 0.786   10.460  3.820   1.00 52.32 ? 7  C   B OP1   1 
ATOM   399 O OP2   . C   B 1 7  ? 0.697   8.598   2.053   1.00 55.41 ? 7  C   B OP2   1 
ATOM   400 O "O5'" . C   B 1 7  ? -0.372  8.293   4.276   1.00 55.29 ? 7  C   B "O5'" 1 
ATOM   401 C "C5'" . C   B 1 7  ? -0.534  8.683   5.636   1.00 53.73 ? 7  C   B "C5'" 1 
ATOM   402 C "C4'" . C   B 1 7  ? -1.113  7.551   6.455   1.00 53.39 ? 7  C   B "C4'" 1 
ATOM   403 O "O4'" . C   B 1 7  ? -2.077  6.827   5.647   1.00 53.47 ? 7  C   B "O4'" 1 
ATOM   404 C "C3'" . C   B 1 7  ? -0.185  6.441   6.894   1.00 53.63 ? 7  C   B "C3'" 1 
ATOM   405 O "O3'" . C   B 1 7  ? 0.602   6.803   8.008   1.00 52.48 ? 7  C   B "O3'" 1 
ATOM   406 C "C2'" . C   B 1 7  ? -1.177  5.350   7.254   1.00 53.20 ? 7  C   B "C2'" 1 
ATOM   407 O "O2'" . C   B 1 7  ? -1.844  5.594   8.477   1.00 55.98 ? 7  C   B "O2'" 1 
ATOM   408 C "C1'" . C   B 1 7  ? -2.173  5.486   6.109   1.00 52.82 ? 7  C   B "C1'" 1 
ATOM   409 N N1    . C   B 1 7  ? -1.863  4.588   4.986   1.00 51.34 ? 7  C   B N1    1 
ATOM   410 C C2    . C   B 1 7  ? -2.098  3.225   5.131   1.00 51.45 ? 7  C   B C2    1 
ATOM   411 O O2    . C   B 1 7  ? -2.534  2.799   6.219   1.00 47.76 ? 7  C   B O2    1 
ATOM   412 N N3    . C   B 1 7  ? -1.842  2.395   4.087   1.00 50.22 ? 7  C   B N3    1 
ATOM   413 C C4    . C   B 1 7  ? -1.361  2.890   2.947   1.00 51.04 ? 7  C   B C4    1 
ATOM   414 N N4    . C   B 1 7  ? -1.137  2.042   1.949   1.00 52.73 ? 7  C   B N4    1 
ATOM   415 C C5    . C   B 1 7  ? -1.095  4.276   2.778   1.00 50.11 ? 7  C   B C5    1 
ATOM   416 C C6    . C   B 1 7  ? -1.356  5.083   3.813   1.00 50.34 ? 7  C   B C6    1 
ATOM   417 P P     . G   B 1 8  ? 2.096   6.240   8.123   1.00 52.99 ? 8  G   B P     1 
ATOM   418 O OP1   . G   B 1 8  ? 2.930   7.113   8.978   1.00 51.99 ? 8  G   B OP1   1 
ATOM   419 O OP2   . G   B 1 8  ? 2.522   5.966   6.724   1.00 53.29 ? 8  G   B OP2   1 
ATOM   420 O "O5'" . G   B 1 8  ? 1.898   4.835   8.830   1.00 51.86 ? 8  G   B "O5'" 1 
ATOM   421 C "C5'" . G   B 1 8  ? 1.430   4.748   10.158  1.00 49.91 ? 8  G   B "C5'" 1 
ATOM   422 C "C4'" . G   B 1 8  ? 1.129   3.317   10.508  1.00 47.98 ? 8  G   B "C4'" 1 
ATOM   423 O "O4'" . G   B 1 8  ? 0.150   2.806   9.573   1.00 45.97 ? 8  G   B "O4'" 1 
ATOM   424 C "C3'" . G   B 1 8  ? 2.268   2.335   10.354  1.00 49.12 ? 8  G   B "C3'" 1 
ATOM   425 O "O3'" . G   B 1 8  ? 3.153   2.350   11.456  1.00 53.65 ? 8  G   B "O3'" 1 
ATOM   426 C "C2'" . G   B 1 8  ? 1.518   1.022   10.296  1.00 47.07 ? 8  G   B "C2'" 1 
ATOM   427 O "O2'" . G   B 1 8  ? 1.100   0.573   11.566  1.00 49.07 ? 8  G   B "O2'" 1 
ATOM   428 C "C1'" . G   B 1 8  ? 0.328   1.403   9.424   1.00 44.80 ? 8  G   B "C1'" 1 
ATOM   429 N N9    . G   B 1 8  ? 0.576   1.119   8.008   1.00 44.18 ? 8  G   B N9    1 
ATOM   430 C C8    . G   B 1 8  ? 0.833   2.026   6.998   1.00 40.28 ? 8  G   B C8    1 
ATOM   431 N N7    . G   B 1 8  ? 0.917   1.467   5.824   1.00 42.33 ? 8  G   B N7    1 
ATOM   432 C C5    . G   B 1 8  ? 0.749   0.108   6.080   1.00 41.53 ? 8  G   B C5    1 
ATOM   433 C C6    . G   B 1 8  ? 0.751   -1.005  5.193   1.00 42.93 ? 8  G   B C6    1 
ATOM   434 O O6    . G   B 1 8  ? 0.945   -1.013  3.977   1.00 40.86 ? 8  G   B O6    1 
ATOM   435 N N1    . G   B 1 8  ? 0.501   -2.195  5.866   1.00 39.93 ? 8  G   B N1    1 
ATOM   436 C C2    . G   B 1 8  ? 0.314   -2.310  7.221   1.00 42.26 ? 8  G   B C2    1 
ATOM   437 N N2    . G   B 1 8  ? 0.081   -3.530  7.690   1.00 41.27 ? 8  G   B N2    1 
ATOM   438 N N3    . G   B 1 8  ? 0.349   -1.290  8.057   1.00 40.82 ? 8  G   B N3    1 
ATOM   439 C C4    . G   B 1 8  ? 0.553   -0.119  7.420   1.00 41.06 ? 8  G   B C4    1 
ATOM   440 P P     . U   B 1 9  ? 4.727   2.165   11.203  1.00 56.45 ? 9  U   B P     1 
ATOM   441 O OP1   . U   B 1 9  ? 5.444   2.486   12.460  1.00 58.21 ? 9  U   B OP1   1 
ATOM   442 O OP2   . U   B 1 9  ? 5.036   2.918   9.968   1.00 59.30 ? 9  U   B OP2   1 
ATOM   443 O "O5'" . U   B 1 9  ? 4.885   0.597   10.931  1.00 56.98 ? 9  U   B "O5'" 1 
ATOM   444 C "C5'" . U   B 1 9  ? 4.664   -0.338  11.981  1.00 56.04 ? 9  U   B "C5'" 1 
ATOM   445 C "C4'" . U   B 1 9  ? 4.548   -1.748  11.444  1.00 57.83 ? 9  U   B "C4'" 1 
ATOM   446 O "O4'" . U   B 1 9  ? 3.486   -1.825  10.456  1.00 55.44 ? 9  U   B "O4'" 1 
ATOM   447 C "C3'" . U   B 1 9  ? 5.745   -2.302  10.689  1.00 59.16 ? 9  U   B "C3'" 1 
ATOM   448 O "O3'" . U   B 1 9  ? 6.771   -2.741  11.560  1.00 61.96 ? 9  U   B "O3'" 1 
ATOM   449 C "C2'" . U   B 1 9  ? 5.118   -3.475  9.959   1.00 58.11 ? 9  U   B "C2'" 1 
ATOM   450 O "O2'" . U   B 1 9  ? 4.883   -4.561  10.836  1.00 57.20 ? 9  U   B "O2'" 1 
ATOM   451 C "C1'" . U   B 1 9  ? 3.791   -2.857  9.519   1.00 56.92 ? 9  U   B "C1'" 1 
ATOM   452 N N1    . U   B 1 9  ? 3.890   -2.257  8.181   1.00 55.07 ? 9  U   B N1    1 
ATOM   453 C C2    . U   B 1 9  ? 3.664   -3.078  7.105   1.00 54.32 ? 9  U   B C2    1 
ATOM   454 O O2    . U   B 1 9  ? 3.423   -4.265  7.226   1.00 55.05 ? 9  U   B O2    1 
ATOM   455 N N3    . U   B 1 9  ? 3.733   -2.462  5.886   1.00 53.07 ? 9  U   B N3    1 
ATOM   456 C C4    . U   B 1 9  ? 4.013   -1.136  5.643   1.00 53.24 ? 9  U   B C4    1 
ATOM   457 O O4    . U   B 1 9  ? 3.947   -0.708  4.494   1.00 52.39 ? 9  U   B O4    1 
ATOM   458 C C5    . U   B 1 9  ? 4.259   -0.356  6.811   1.00 51.92 ? 9  U   B C5    1 
ATOM   459 C C6    . U   B 1 9  ? 4.188   -0.930  8.010   1.00 53.48 ? 9  U   B C6    1 
ATOM   460 P P     . A   B 1 10 ? 8.290   -2.699  11.054  1.00 64.23 ? 10 A   B P     1 
ATOM   461 O OP1   . A   B 1 10 ? 9.178   -3.091  12.178  1.00 66.45 ? 10 A   B OP1   1 
ATOM   462 O OP2   . A   B 1 10 ? 8.505   -1.413  10.351  1.00 63.83 ? 10 A   B OP2   1 
ATOM   463 O "O5'" . A   B 1 10 ? 8.333   -3.852  9.962   1.00 65.90 ? 10 A   B "O5'" 1 
ATOM   464 C "C5'" . A   B 1 10 ? 8.050   -5.195  10.323  1.00 66.88 ? 10 A   B "C5'" 1 
ATOM   465 C "C4'" . A   B 1 10 ? 8.081   -6.065  9.099   1.00 68.61 ? 10 A   B "C4'" 1 
ATOM   466 O "O4'" . A   B 1 10 ? 7.025   -5.654  8.191   1.00 67.66 ? 10 A   B "O4'" 1 
ATOM   467 C "C3'" . A   B 1 10 ? 9.335   -5.930  8.248   1.00 68.63 ? 10 A   B "C3'" 1 
ATOM   468 O "O3'" . A   B 1 10 ? 10.396  -6.713  8.773   1.00 72.05 ? 10 A   B "O3'" 1 
ATOM   469 C "C2'" . A   B 1 10 ? 8.854   -6.470  6.912   1.00 68.13 ? 10 A   B "C2'" 1 
ATOM   470 O "O2'" . A   B 1 10 ? 8.797   -7.884  6.903   1.00 67.47 ? 10 A   B "O2'" 1 
ATOM   471 C "C1'" . A   B 1 10 ? 7.438   -5.893  6.855   1.00 67.16 ? 10 A   B "C1'" 1 
ATOM   472 N N9    . A   B 1 10 ? 7.407   -4.634  6.120   1.00 64.19 ? 10 A   B N9    1 
ATOM   473 C C8    . A   B 1 10 ? 7.517   -3.348  6.584   1.00 62.71 ? 10 A   B C8    1 
ATOM   474 N N7    . A   B 1 10 ? 7.483   -2.443  5.634   1.00 62.08 ? 10 A   B N7    1 
ATOM   475 C C5    . A   B 1 10 ? 7.333   -3.187  4.470   1.00 61.02 ? 10 A   B C5    1 
ATOM   476 C C6    . A   B 1 10 ? 7.227   -2.825  3.122   1.00 60.40 ? 10 A   B C6    1 
ATOM   477 N N6    . A   B 1 10 ? 7.267   -1.566  2.685   1.00 58.57 ? 10 A   B N6    1 
ATOM   478 N N1    . A   B 1 10 ? 7.079   -3.815  2.217   1.00 61.18 ? 10 A   B N1    1 
ATOM   479 C C2    . A   B 1 10 ? 7.045   -5.080  2.649   1.00 61.33 ? 10 A   B C2    1 
ATOM   480 N N3    . A   B 1 10 ? 7.136   -5.546  3.886   1.00 61.05 ? 10 A   B N3    1 
ATOM   481 C C4    . A   B 1 10 ? 7.279   -4.536  4.758   1.00 61.75 ? 10 A   B C4    1 
ATOM   482 P P     . G   B 1 11 ? 11.917  -6.261  8.521   1.00 73.18 ? 11 G   B P     1 
ATOM   483 O OP1   . G   B 1 11 ? 12.758  -7.112  9.398   1.00 75.15 ? 11 G   B OP1   1 
ATOM   484 O OP2   . G   B 1 11 ? 12.001  -4.784  8.631   1.00 74.18 ? 11 G   B OP2   1 
ATOM   485 O "O5'" . G   B 1 11 ? 12.184  -6.640  6.996   1.00 73.94 ? 11 G   B "O5'" 1 
ATOM   486 C "C5'" . G   B 1 11 ? 12.090  -7.992  6.563   1.00 73.66 ? 11 G   B "C5'" 1 
ATOM   487 C "C4'" . G   B 1 11 ? 12.084  -8.067  5.055   1.00 74.60 ? 11 G   B "C4'" 1 
ATOM   488 O "O4'" . G   B 1 11 ? 10.864  -7.475  4.528   1.00 74.09 ? 11 G   B "O4'" 1 
ATOM   489 C "C3'" . G   B 1 11 ? 13.191  -7.320  4.332   1.00 75.10 ? 11 G   B "C3'" 1 
ATOM   490 O "O3'" . G   B 1 11 ? 14.405  -8.060  4.330   1.00 77.10 ? 11 G   B "O3'" 1 
ATOM   491 C "C2'" . G   B 1 11 ? 12.599  -7.186  2.936   1.00 74.10 ? 11 G   B "C2'" 1 
ATOM   492 O "O2'" . G   B 1 11 ? 12.687  -8.381  2.187   1.00 75.25 ? 11 G   B "O2'" 1 
ATOM   493 C "C1'" . G   B 1 11 ? 11.132  -6.883  3.263   1.00 72.85 ? 11 G   B "C1'" 1 
ATOM   494 N N9    . G   B 1 11 ? 10.919  -5.443  3.369   1.00 70.65 ? 11 G   B N9    1 
ATOM   495 C C8    . G   B 1 11 ? 10.996  -4.666  4.503   1.00 69.44 ? 11 G   B C8    1 
ATOM   496 N N7    . G   B 1 11 ? 10.824  -3.395  4.265   1.00 67.73 ? 11 G   B N7    1 
ATOM   497 C C5    . G   B 1 11 ? 10.602  -3.330  2.896   1.00 67.38 ? 11 G   B C5    1 
ATOM   498 C C6    . G   B 1 11 ? 10.361  -2.217  2.060   1.00 66.45 ? 11 G   B C6    1 
ATOM   499 O O6    . G   B 1 11 ? 10.290  -1.022  2.371   1.00 65.64 ? 11 G   B O6    1 
ATOM   500 N N1    . G   B 1 11 ? 10.190  -2.601  0.732   1.00 66.25 ? 11 G   B N1    1 
ATOM   501 C C2    . G   B 1 11 ? 10.239  -3.895  0.271   1.00 66.88 ? 11 G   B C2    1 
ATOM   502 N N2    . G   B 1 11 ? 10.027  -4.070  -1.041  1.00 65.95 ? 11 G   B N2    1 
ATOM   503 N N3    . G   B 1 11 ? 10.470  -4.940  1.041   1.00 67.29 ? 11 G   B N3    1 
ATOM   504 C C4    . G   B 1 11 ? 10.643  -4.588  2.332   1.00 68.40 ? 11 G   B C4    1 
ATOM   505 P P     . U   B 1 12 ? 15.814  -7.282  4.329   1.00 78.60 ? 12 U   B P     1 
ATOM   506 O OP1   . U   B 1 12 ? 16.859  -8.291  4.616   1.00 79.79 ? 12 U   B OP1   1 
ATOM   507 O OP2   . U   B 1 12 ? 15.715  -6.075  5.190   1.00 78.91 ? 12 U   B OP2   1 
ATOM   508 O "O5'" . U   B 1 12 ? 15.970  -6.783  2.825   1.00 77.98 ? 12 U   B "O5'" 1 
ATOM   509 C "C5'" . U   B 1 12 ? 15.838  -7.695  1.746   1.00 78.72 ? 12 U   B "C5'" 1 
ATOM   510 C "C4'" . U   B 1 12 ? 15.581  -6.953  0.459   1.00 80.18 ? 12 U   B "C4'" 1 
ATOM   511 O "O4'" . U   B 1 12 ? 14.300  -6.270  0.531   1.00 80.13 ? 12 U   B "O4'" 1 
ATOM   512 C "C3'" . U   B 1 12 ? 16.547  -5.834  0.118   1.00 80.95 ? 12 U   B "C3'" 1 
ATOM   513 O "O3'" . U   B 1 12 ? 17.752  -6.329  -0.449  1.00 83.88 ? 12 U   B "O3'" 1 
ATOM   514 C "C2'" . U   B 1 12 ? 15.737  -5.046  -0.899  1.00 80.32 ? 12 U   B "C2'" 1 
ATOM   515 O "O2'" . U   B 1 12 ? 15.708  -5.670  -2.167  1.00 79.11 ? 12 U   B "O2'" 1 
ATOM   516 C "C1'" . U   B 1 12 ? 14.345  -5.093  -0.263  1.00 78.78 ? 12 U   B "C1'" 1 
ATOM   517 N N1    . U   B 1 12 ? 14.131  -3.931  0.608   1.00 76.34 ? 12 U   B N1    1 
ATOM   518 C C2    . U   B 1 12 ? 13.715  -2.760  0.012   1.00 75.07 ? 12 U   B C2    1 
ATOM   519 O O2    . U   B 1 12 ? 13.483  -2.678  -1.185  1.00 74.76 ? 12 U   B O2    1 
ATOM   520 N N3    . U   B 1 12 ? 13.583  -1.691  0.862   1.00 73.24 ? 12 U   B N3    1 
ATOM   521 C C4    . U   B 1 12 ? 13.821  -1.677  2.222   1.00 73.61 ? 12 U   B C4    1 
ATOM   522 O O4    . U   B 1 12 ? 13.782  -0.605  2.833   1.00 71.99 ? 12 U   B O4    1 
ATOM   523 C C5    . U   B 1 12 ? 14.220  -2.940  2.770   1.00 74.57 ? 12 U   B C5    1 
ATOM   524 C C6    . U   B 1 12 ? 14.357  -3.997  1.963   1.00 75.39 ? 12 U   B C6    1 
ATOM   525 P P     . A   B 1 13 ? 19.114  -5.493  -0.276  1.00 85.92 ? 13 A   B P     1 
ATOM   526 O OP1   . A   B 1 13 ? 20.215  -6.302  -0.854  1.00 86.30 ? 13 A   B OP1   1 
ATOM   527 O OP2   . A   B 1 13 ? 19.209  -5.034  1.138   1.00 84.63 ? 13 A   B OP2   1 
ATOM   528 O "O5'" . A   B 1 13 ? 18.894  -4.218  -1.202  1.00 83.81 ? 13 A   B "O5'" 1 
ATOM   529 C "C5'" . A   B 1 13 ? 18.762  -4.357  -2.607  1.00 81.91 ? 13 A   B "C5'" 1 
ATOM   530 C "C4'" . A   B 1 13 ? 18.521  -3.012  -3.241  1.00 82.03 ? 13 A   B "C4'" 1 
ATOM   531 O "O4'" . A   B 1 13 ? 17.218  -2.514  -2.838  1.00 81.17 ? 13 A   B "O4'" 1 
ATOM   532 C "C3'" . A   B 1 13 ? 19.475  -1.906  -2.822  1.00 81.74 ? 13 A   B "C3'" 1 
ATOM   533 O "O3'" . A   B 1 13 ? 20.769  -1.958  -3.429  1.00 83.50 ? 13 A   B "O3'" 1 
ATOM   534 C "C2'" . A   B 1 13 ? 18.670  -0.662  -3.160  1.00 81.20 ? 13 A   B "C2'" 1 
ATOM   535 O "O2'" . A   B 1 13 ? 18.681  -0.364  -4.541  1.00 80.70 ? 13 A   B "O2'" 1 
ATOM   536 C "C1'" . A   B 1 13 ? 17.265  -1.098  -2.734  1.00 79.85 ? 13 A   B "C1'" 1 
ATOM   537 N N9    . A   B 1 13 ? 16.971  -0.728  -1.349  1.00 76.75 ? 13 A   B N9    1 
ATOM   538 C C8    . A   B 1 13 ? 17.150  -1.476  -0.209  1.00 75.46 ? 13 A   B C8    1 
ATOM   539 N N7    . A   B 1 13 ? 16.818  -0.851  0.891   1.00 73.76 ? 13 A   B N7    1 
ATOM   540 C C5    . A   B 1 13 ? 16.380  0.391   0.446   1.00 73.98 ? 13 A   B C5    1 
ATOM   541 C C6    . A   B 1 13 ? 15.887  1.517   1.123   1.00 72.34 ? 13 A   B C6    1 
ATOM   542 N N6    . A   B 1 13 ? 15.740  1.578   2.445   1.00 72.79 ? 13 A   B N6    1 
ATOM   543 N N1    . A   B 1 13 ? 15.548  2.593   0.386   1.00 71.40 ? 13 A   B N1    1 
ATOM   544 C C2    . A   B 1 13 ? 15.687  2.530   -0.944  1.00 72.43 ? 13 A   B C2    1 
ATOM   545 N N3    . A   B 1 13 ? 16.130  1.529   -1.696  1.00 73.45 ? 13 A   B N3    1 
ATOM   546 C C4    . A   B 1 13 ? 16.466  0.477   -0.930  1.00 74.54 ? 13 A   B C4    1 
HETATM 547 O O     . HOH C 2 .  ? -17.782 1.074   -2.514  1.00 70.62 ? 25 HOH A O     1 
HETATM 548 O O     . HOH C 2 .  ? -3.025  -4.249  0.589   1.00 58.57 ? 26 HOH A O     1 
HETATM 549 O O     . HOH C 2 .  ? -10.456 -1.288  -0.166  1.00 61.77 ? 27 HOH A O     1 
HETATM 550 O O     . HOH C 2 .  ? -12.042 -0.399  1.964   1.00 84.42 ? 28 HOH A O     1 
HETATM 551 O O     . HOH C 2 .  ? -5.514  -6.630  10.501  1.00 72.19 ? 29 HOH A O     1 
HETATM 552 O O     . HOH C 2 .  ? 7.953   -8.492  0.750   1.00 89.32 ? 34 HOH A O     1 
HETATM 553 O O     . HOH C 2 .  ? -8.170  7.355   4.271   1.00 60.16 ? 35 HOH A O     1 
HETATM 554 O O     . HOH C 2 .  ? 9.770   3.834   2.287   1.00 64.75 ? 36 HOH A O     1 
HETATM 555 O O     . HOH C 2 .  ? 7.250   4.174   -1.471  1.00 66.28 ? 40 HOH A O     1 
HETATM 556 O O     . HOH C 2 .  ? -5.741  -2.311  0.768   1.00 74.02 ? 41 HOH A O     1 
HETATM 557 O O     . HOH D 2 .  ? -4.531  11.580  -4.590  1.00 48.14 ? 21 HOH B O     1 
HETATM 558 O O     . HOH D 2 .  ? -4.696  9.676   -8.608  1.00 60.17 ? 22 HOH B O     1 
HETATM 559 O O     . HOH D 2 .  ? -8.400  7.439   -6.812  1.00 60.66 ? 23 HOH B O     1 
HETATM 560 O O     . HOH D 2 .  ? 0.678   2.899   -0.562  1.00 82.38 ? 24 HOH B O     1 
HETATM 561 O O     . HOH D 2 .  ? 10.458  -7.150  -2.348  1.00 74.25 ? 30 HOH B O     1 
HETATM 562 O O     . HOH D 2 .  ? 10.774  -1.538  6.507   1.00 68.63 ? 31 HOH B O     1 
HETATM 563 O O     . HOH D 2 .  ? -12.504 -3.119  -11.010 1.00 78.91 ? 32 HOH B O     1 
HETATM 564 O O     . HOH D 2 .  ? -1.241  7.857   10.287  1.00 64.44 ? 33 HOH B O     1 
HETATM 565 O O     . HOH D 2 .  ? -7.731  8.545   -0.009  1.00 60.13 ? 37 HOH B O     1 
HETATM 566 O O     . HOH D 2 .  ? 17.868  -3.817  4.778   1.00 84.00 ? 38 HOH B O     1 
HETATM 567 O O     . HOH D 2 .  ? -3.493  1.128   -5.277  1.00 67.69 ? 39 HOH B O     1 
HETATM 568 O O     . HOH D 2 .  ? 17.205  -0.619  3.732   1.00 87.41 ? 42 HOH B O     1 
# 
